data_3HZQ
# 
_entry.id   3HZQ 
# 
_audit_conform.dict_name       mmcif_pdbx.dic 
_audit_conform.dict_version    5.387 
_audit_conform.dict_location   http://mmcif.pdb.org/dictionaries/ascii/mmcif_pdbx.dic 
# 
loop_
_database_2.database_id 
_database_2.database_code 
_database_2.pdbx_database_accession 
_database_2.pdbx_DOI 
PDB   3HZQ         pdb_00003hzq 10.2210/pdb3hzq/pdb 
RCSB  RCSB053782   ?            ?                   
WWPDB D_1000053782 ?            ?                   
# 
loop_
_pdbx_audit_revision_history.ordinal 
_pdbx_audit_revision_history.data_content_type 
_pdbx_audit_revision_history.major_revision 
_pdbx_audit_revision_history.minor_revision 
_pdbx_audit_revision_history.revision_date 
1 'Structure model' 1 0 2009-08-25 
2 'Structure model' 1 1 2011-07-13 
3 'Structure model' 1 2 2017-11-01 
4 'Structure model' 1 3 2021-10-13 
5 'Structure model' 1 4 2024-02-21 
# 
_pdbx_audit_revision_details.ordinal             1 
_pdbx_audit_revision_details.revision_ordinal    1 
_pdbx_audit_revision_details.data_content_type   'Structure model' 
_pdbx_audit_revision_details.provider            repository 
_pdbx_audit_revision_details.type                'Initial release' 
_pdbx_audit_revision_details.description         ? 
_pdbx_audit_revision_details.details             ? 
# 
loop_
_pdbx_audit_revision_group.ordinal 
_pdbx_audit_revision_group.revision_ordinal 
_pdbx_audit_revision_group.data_content_type 
_pdbx_audit_revision_group.group 
1 2 'Structure model' 'Version format compliance' 
2 3 'Structure model' 'Refinement description'    
3 4 'Structure model' 'Database references'       
4 5 'Structure model' 'Data collection'           
# 
loop_
_pdbx_audit_revision_category.ordinal 
_pdbx_audit_revision_category.revision_ordinal 
_pdbx_audit_revision_category.data_content_type 
_pdbx_audit_revision_category.category 
1 3 'Structure model' software           
2 4 'Structure model' database_2         
3 4 'Structure model' struct_ref_seq_dif 
4 5 'Structure model' chem_comp_atom     
5 5 'Structure model' chem_comp_bond     
# 
loop_
_pdbx_audit_revision_item.ordinal 
_pdbx_audit_revision_item.revision_ordinal 
_pdbx_audit_revision_item.data_content_type 
_pdbx_audit_revision_item.item 
1 3 'Structure model' '_software.classification'            
2 3 'Structure model' '_software.name'                      
3 3 'Structure model' '_software.version'                   
4 4 'Structure model' '_database_2.pdbx_DOI'                
5 4 'Structure model' '_database_2.pdbx_database_accession' 
6 4 'Structure model' '_struct_ref_seq_dif.details'         
# 
_pdbx_database_status.status_code                     REL 
_pdbx_database_status.entry_id                        3HZQ 
_pdbx_database_status.recvd_initial_deposition_date   2009-06-24 
_pdbx_database_status.deposit_site                    RCSB 
_pdbx_database_status.process_site                    RCSB 
_pdbx_database_status.status_code_sf                  REL 
_pdbx_database_status.status_code_mr                  ? 
_pdbx_database_status.SG_entry                        ? 
_pdbx_database_status.pdb_format_compatible           Y 
_pdbx_database_status.status_code_cs                  ? 
_pdbx_database_status.methods_development_category    ? 
_pdbx_database_status.status_code_nmr_data            ? 
# 
loop_
_audit_author.name 
_audit_author.pdbx_ordinal 
'Liu, Z.F.'    1 
'Gandhi, C.S.' 2 
'Rees, D.C.'   3 
# 
_citation.id                        primary 
_citation.title                     'Structure of a tetrameric MscL in an expanded intermediate state.' 
_citation.journal_abbrev            Nature 
_citation.journal_volume            461 
_citation.page_first                120 
_citation.page_last                 124 
_citation.year                      2009 
_citation.journal_id_ASTM           NATUAS 
_citation.country                   UK 
_citation.journal_id_ISSN           0028-0836 
_citation.journal_id_CSD            0006 
_citation.book_publisher            ? 
_citation.pdbx_database_id_PubMed   19701184 
_citation.pdbx_database_id_DOI      10.1038/nature08277 
# 
loop_
_citation_author.citation_id 
_citation_author.name 
_citation_author.ordinal 
_citation_author.identifier_ORCID 
primary 'Liu, Z.'      1 ? 
primary 'Gandhi, C.S.' 2 ? 
primary 'Rees, D.C.'   3 ? 
# 
_entity.id                         1 
_entity.type                       polymer 
_entity.src_method                 man 
_entity.pdbx_description           'Large-conductance mechanosensitive channel' 
_entity.formula_weight             12777.226 
_entity.pdbx_number_of_molecules   1 
_entity.pdbx_ec                    ? 
_entity.pdbx_mutation              S32C 
_entity.pdbx_fragment              'residue 1-94' 
_entity.details                    ? 
# 
_entity_poly.entity_id                      1 
_entity_poly.type                           'polypeptide(L)' 
_entity_poly.nstd_linkage                   no 
_entity_poly.nstd_monomer                   no 
_entity_poly.pdbx_seq_one_letter_code       
;MGSSHHHHHHSSGLVPRGSHMLKEFKEFALKGNVLDLAIAVVMGAAFNKIICSLVENIIMPLIGKIFGSVDFAKEWSFWG
IKYGLFIQSVIDFIIIAFALFIFVKIANTLMKKE
;
_entity_poly.pdbx_seq_one_letter_code_can   
;MGSSHHHHHHSSGLVPRGSHMLKEFKEFALKGNVLDLAIAVVMGAAFNKIICSLVENIIMPLIGKIFGSVDFAKEWSFWG
IKYGLFIQSVIDFIIIAFALFIFVKIANTLMKKE
;
_entity_poly.pdbx_strand_id                 A 
_entity_poly.pdbx_target_identifier         ? 
# 
loop_
_entity_poly_seq.entity_id 
_entity_poly_seq.num 
_entity_poly_seq.mon_id 
_entity_poly_seq.hetero 
1 1   MET n 
1 2   GLY n 
1 3   SER n 
1 4   SER n 
1 5   HIS n 
1 6   HIS n 
1 7   HIS n 
1 8   HIS n 
1 9   HIS n 
1 10  HIS n 
1 11  SER n 
1 12  SER n 
1 13  GLY n 
1 14  LEU n 
1 15  VAL n 
1 16  PRO n 
1 17  ARG n 
1 18  GLY n 
1 19  SER n 
1 20  HIS n 
1 21  MET n 
1 22  LEU n 
1 23  LYS n 
1 24  GLU n 
1 25  PHE n 
1 26  LYS n 
1 27  GLU n 
1 28  PHE n 
1 29  ALA n 
1 30  LEU n 
1 31  LYS n 
1 32  GLY n 
1 33  ASN n 
1 34  VAL n 
1 35  LEU n 
1 36  ASP n 
1 37  LEU n 
1 38  ALA n 
1 39  ILE n 
1 40  ALA n 
1 41  VAL n 
1 42  VAL n 
1 43  MET n 
1 44  GLY n 
1 45  ALA n 
1 46  ALA n 
1 47  PHE n 
1 48  ASN n 
1 49  LYS n 
1 50  ILE n 
1 51  ILE n 
1 52  CYS n 
1 53  SER n 
1 54  LEU n 
1 55  VAL n 
1 56  GLU n 
1 57  ASN n 
1 58  ILE n 
1 59  ILE n 
1 60  MET n 
1 61  PRO n 
1 62  LEU n 
1 63  ILE n 
1 64  GLY n 
1 65  LYS n 
1 66  ILE n 
1 67  PHE n 
1 68  GLY n 
1 69  SER n 
1 70  VAL n 
1 71  ASP n 
1 72  PHE n 
1 73  ALA n 
1 74  LYS n 
1 75  GLU n 
1 76  TRP n 
1 77  SER n 
1 78  PHE n 
1 79  TRP n 
1 80  GLY n 
1 81  ILE n 
1 82  LYS n 
1 83  TYR n 
1 84  GLY n 
1 85  LEU n 
1 86  PHE n 
1 87  ILE n 
1 88  GLN n 
1 89  SER n 
1 90  VAL n 
1 91  ILE n 
1 92  ASP n 
1 93  PHE n 
1 94  ILE n 
1 95  ILE n 
1 96  ILE n 
1 97  ALA n 
1 98  PHE n 
1 99  ALA n 
1 100 LEU n 
1 101 PHE n 
1 102 ILE n 
1 103 PHE n 
1 104 VAL n 
1 105 LYS n 
1 106 ILE n 
1 107 ALA n 
1 108 ASN n 
1 109 THR n 
1 110 LEU n 
1 111 MET n 
1 112 LYS n 
1 113 LYS n 
1 114 GLU n 
# 
_entity_src_gen.entity_id                          1 
_entity_src_gen.pdbx_src_id                        1 
_entity_src_gen.pdbx_alt_source_flag               sample 
_entity_src_gen.pdbx_seq_type                      ? 
_entity_src_gen.pdbx_beg_seq_num                   ? 
_entity_src_gen.pdbx_end_seq_num                   ? 
_entity_src_gen.gene_src_common_name               ? 
_entity_src_gen.gene_src_genus                     ? 
_entity_src_gen.pdbx_gene_src_gene                 mscL 
_entity_src_gen.gene_src_species                   ? 
_entity_src_gen.gene_src_strain                    ? 
_entity_src_gen.gene_src_tissue                    ? 
_entity_src_gen.gene_src_tissue_fraction           ? 
_entity_src_gen.gene_src_details                   ? 
_entity_src_gen.pdbx_gene_src_fragment             ? 
_entity_src_gen.pdbx_gene_src_scientific_name      'Staphylococcus aureus subsp. aureus MW2' 
_entity_src_gen.pdbx_gene_src_ncbi_taxonomy_id     196620 
_entity_src_gen.pdbx_gene_src_variant              ? 
_entity_src_gen.pdbx_gene_src_cell_line            ? 
_entity_src_gen.pdbx_gene_src_atcc                 ? 
_entity_src_gen.pdbx_gene_src_organ                ? 
_entity_src_gen.pdbx_gene_src_organelle            ? 
_entity_src_gen.pdbx_gene_src_cell                 ? 
_entity_src_gen.pdbx_gene_src_cellular_location    ? 
_entity_src_gen.host_org_common_name               ? 
_entity_src_gen.pdbx_host_org_scientific_name      'Escherichia coli' 
_entity_src_gen.pdbx_host_org_ncbi_taxonomy_id     562 
_entity_src_gen.host_org_genus                     ? 
_entity_src_gen.pdbx_host_org_gene                 ? 
_entity_src_gen.pdbx_host_org_organ                ? 
_entity_src_gen.host_org_species                   ? 
_entity_src_gen.pdbx_host_org_tissue               ? 
_entity_src_gen.pdbx_host_org_tissue_fraction      ? 
_entity_src_gen.pdbx_host_org_strain               'BL21Gold (DE3)' 
_entity_src_gen.pdbx_host_org_variant              ? 
_entity_src_gen.pdbx_host_org_cell_line            ? 
_entity_src_gen.pdbx_host_org_atcc                 ? 
_entity_src_gen.pdbx_host_org_culture_collection   ? 
_entity_src_gen.pdbx_host_org_cell                 ? 
_entity_src_gen.pdbx_host_org_organelle            ? 
_entity_src_gen.pdbx_host_org_cellular_location    ? 
_entity_src_gen.pdbx_host_org_vector_type          plasmid 
_entity_src_gen.pdbx_host_org_vector               ? 
_entity_src_gen.host_org_details                   ? 
_entity_src_gen.expression_system_id               ? 
_entity_src_gen.plasmid_name                       pET15b 
_entity_src_gen.plasmid_details                    ? 
_entity_src_gen.pdbx_description                   ? 
# 
loop_
_chem_comp.id 
_chem_comp.type 
_chem_comp.mon_nstd_flag 
_chem_comp.name 
_chem_comp.pdbx_synonyms 
_chem_comp.formula 
_chem_comp.formula_weight 
ALA 'L-peptide linking' y ALANINE         ? 'C3 H7 N O2'     89.093  
ARG 'L-peptide linking' y ARGININE        ? 'C6 H15 N4 O2 1' 175.209 
ASN 'L-peptide linking' y ASPARAGINE      ? 'C4 H8 N2 O3'    132.118 
ASP 'L-peptide linking' y 'ASPARTIC ACID' ? 'C4 H7 N O4'     133.103 
CYS 'L-peptide linking' y CYSTEINE        ? 'C3 H7 N O2 S'   121.158 
GLN 'L-peptide linking' y GLUTAMINE       ? 'C5 H10 N2 O3'   146.144 
GLU 'L-peptide linking' y 'GLUTAMIC ACID' ? 'C5 H9 N O4'     147.129 
GLY 'peptide linking'   y GLYCINE         ? 'C2 H5 N O2'     75.067  
HIS 'L-peptide linking' y HISTIDINE       ? 'C6 H10 N3 O2 1' 156.162 
ILE 'L-peptide linking' y ISOLEUCINE      ? 'C6 H13 N O2'    131.173 
LEU 'L-peptide linking' y LEUCINE         ? 'C6 H13 N O2'    131.173 
LYS 'L-peptide linking' y LYSINE          ? 'C6 H15 N2 O2 1' 147.195 
MET 'L-peptide linking' y METHIONINE      ? 'C5 H11 N O2 S'  149.211 
PHE 'L-peptide linking' y PHENYLALANINE   ? 'C9 H11 N O2'    165.189 
PRO 'L-peptide linking' y PROLINE         ? 'C5 H9 N O2'     115.130 
SER 'L-peptide linking' y SERINE          ? 'C3 H7 N O3'     105.093 
THR 'L-peptide linking' y THREONINE       ? 'C4 H9 N O3'     119.119 
TRP 'L-peptide linking' y TRYPTOPHAN      ? 'C11 H12 N2 O2'  204.225 
TYR 'L-peptide linking' y TYROSINE        ? 'C9 H11 N O3'    181.189 
VAL 'L-peptide linking' y VALINE          ? 'C5 H11 N O2'    117.146 
# 
loop_
_pdbx_poly_seq_scheme.asym_id 
_pdbx_poly_seq_scheme.entity_id 
_pdbx_poly_seq_scheme.seq_id 
_pdbx_poly_seq_scheme.mon_id 
_pdbx_poly_seq_scheme.ndb_seq_num 
_pdbx_poly_seq_scheme.pdb_seq_num 
_pdbx_poly_seq_scheme.auth_seq_num 
_pdbx_poly_seq_scheme.pdb_mon_id 
_pdbx_poly_seq_scheme.auth_mon_id 
_pdbx_poly_seq_scheme.pdb_strand_id 
_pdbx_poly_seq_scheme.pdb_ins_code 
_pdbx_poly_seq_scheme.hetero 
A 1 1   MET 1   -19 ?  ?   ?   A . n 
A 1 2   GLY 2   -18 ?  ?   ?   A . n 
A 1 3   SER 3   -17 ?  ?   ?   A . n 
A 1 4   SER 4   -16 ?  ?   ?   A . n 
A 1 5   HIS 5   -15 ?  ?   ?   A . n 
A 1 6   HIS 6   -14 ?  ?   ?   A . n 
A 1 7   HIS 7   -13 ?  ?   ?   A . n 
A 1 8   HIS 8   -12 ?  ?   ?   A . n 
A 1 9   HIS 9   -11 ?  ?   ?   A . n 
A 1 10  HIS 10  -10 ?  ?   ?   A . n 
A 1 11  SER 11  -9  ?  ?   ?   A . n 
A 1 12  SER 12  -8  ?  ?   ?   A . n 
A 1 13  GLY 13  -7  ?  ?   ?   A . n 
A 1 14  LEU 14  -6  ?  ?   ?   A . n 
A 1 15  VAL 15  -5  ?  ?   ?   A . n 
A 1 16  PRO 16  -4  ?  ?   ?   A . n 
A 1 17  ARG 17  -3  ?  ?   ?   A . n 
A 1 18  GLY 18  -2  ?  ?   ?   A . n 
A 1 19  SER 19  -1  ?  ?   ?   A . n 
A 1 20  HIS 20  0   ?  ?   ?   A . n 
A 1 21  MET 21  1   1  MET MET A . n 
A 1 22  LEU 22  2   2  LEU LEU A . n 
A 1 23  LYS 23  3   3  LYS LYS A . n 
A 1 24  GLU 24  4   4  GLU GLU A . n 
A 1 25  PHE 25  5   5  PHE PHE A . n 
A 1 26  LYS 26  6   6  LYS LYS A . n 
A 1 27  GLU 27  7   7  GLU GLU A . n 
A 1 28  PHE 28  8   8  PHE PHE A . n 
A 1 29  ALA 29  9   9  ALA ALA A . n 
A 1 30  LEU 30  10  10 LEU LEU A . n 
A 1 31  LYS 31  11  11 LYS LYS A . n 
A 1 32  GLY 32  12  12 GLY GLY A . n 
A 1 33  ASN 33  13  13 ASN ASN A . n 
A 1 34  VAL 34  14  14 VAL VAL A . n 
A 1 35  LEU 35  15  15 LEU LEU A . n 
A 1 36  ASP 36  16  16 ASP ASP A . n 
A 1 37  LEU 37  17  17 LEU LEU A . n 
A 1 38  ALA 38  18  18 ALA ALA A . n 
A 1 39  ILE 39  19  19 ILE ILE A . n 
A 1 40  ALA 40  20  20 ALA ALA A . n 
A 1 41  VAL 41  21  21 VAL VAL A . n 
A 1 42  VAL 42  22  22 VAL VAL A . n 
A 1 43  MET 43  23  23 MET MET A . n 
A 1 44  GLY 44  24  24 GLY GLY A . n 
A 1 45  ALA 45  25  25 ALA ALA A . n 
A 1 46  ALA 46  26  26 ALA ALA A . n 
A 1 47  PHE 47  27  27 PHE PHE A . n 
A 1 48  ASN 48  28  28 ASN ASN A . n 
A 1 49  LYS 49  29  29 LYS LYS A . n 
A 1 50  ILE 50  30  30 ILE ILE A . n 
A 1 51  ILE 51  31  31 ILE ILE A . n 
A 1 52  CYS 52  32  32 CYS CYS A . n 
A 1 53  SER 53  33  33 SER SER A . n 
A 1 54  LEU 54  34  34 LEU LEU A . n 
A 1 55  VAL 55  35  35 VAL VAL A . n 
A 1 56  GLU 56  36  36 GLU GLU A . n 
A 1 57  ASN 57  37  37 ASN ASN A . n 
A 1 58  ILE 58  38  38 ILE ILE A . n 
A 1 59  ILE 59  39  39 ILE ILE A . n 
A 1 60  MET 60  40  40 MET MET A . n 
A 1 61  PRO 61  41  41 PRO PRO A . n 
A 1 62  LEU 62  42  42 LEU LEU A . n 
A 1 63  ILE 63  43  43 ILE ILE A . n 
A 1 64  GLY 64  44  44 GLY GLY A . n 
A 1 65  LYS 65  45  45 LYS LYS A . n 
A 1 66  ILE 66  46  46 ILE ILE A . n 
A 1 67  PHE 67  47  47 PHE PHE A . n 
A 1 68  GLY 68  48  48 GLY GLY A . n 
A 1 69  SER 69  49  49 SER SER A . n 
A 1 70  VAL 70  50  50 VAL VAL A . n 
A 1 71  ASP 71  51  51 ASP ASP A . n 
A 1 72  PHE 72  52  52 PHE PHE A . n 
A 1 73  ALA 73  53  53 ALA ALA A . n 
A 1 74  LYS 74  54  54 LYS LYS A . n 
A 1 75  GLU 75  55  55 GLU GLU A . n 
A 1 76  TRP 76  56  56 TRP TRP A . n 
A 1 77  SER 77  57  57 SER SER A . n 
A 1 78  PHE 78  58  58 PHE PHE A . n 
A 1 79  TRP 79  59  59 TRP TRP A . n 
A 1 80  GLY 80  60  60 GLY GLY A . n 
A 1 81  ILE 81  61  61 ILE ILE A . n 
A 1 82  LYS 82  62  62 LYS LYS A . n 
A 1 83  TYR 83  63  63 TYR TYR A . n 
A 1 84  GLY 84  64  64 GLY GLY A . n 
A 1 85  LEU 85  65  65 LEU LEU A . n 
A 1 86  PHE 86  66  66 PHE PHE A . n 
A 1 87  ILE 87  67  67 ILE ILE A . n 
A 1 88  GLN 88  68  68 GLN GLN A . n 
A 1 89  SER 89  69  69 SER SER A . n 
A 1 90  VAL 90  70  70 VAL VAL A . n 
A 1 91  ILE 91  71  71 ILE ILE A . n 
A 1 92  ASP 92  72  72 ASP ASP A . n 
A 1 93  PHE 93  73  73 PHE PHE A . n 
A 1 94  ILE 94  74  74 ILE ILE A . n 
A 1 95  ILE 95  75  75 ILE ILE A . n 
A 1 96  ILE 96  76  76 ILE ILE A . n 
A 1 97  ALA 97  77  77 ALA ALA A . n 
A 1 98  PHE 98  78  78 PHE PHE A . n 
A 1 99  ALA 99  79  79 ALA ALA A . n 
A 1 100 LEU 100 80  80 LEU LEU A . n 
A 1 101 PHE 101 81  81 PHE PHE A . n 
A 1 102 ILE 102 82  82 ILE ILE A . n 
A 1 103 PHE 103 83  83 PHE PHE A . n 
A 1 104 VAL 104 84  84 VAL VAL A . n 
A 1 105 LYS 105 85  85 LYS LYS A . n 
A 1 106 ILE 106 86  86 ILE ILE A . n 
A 1 107 ALA 107 87  87 ALA ALA A . n 
A 1 108 ASN 108 88  88 ASN ASN A . n 
A 1 109 THR 109 89  89 THR THR A . n 
A 1 110 LEU 110 90  90 LEU LEU A . n 
A 1 111 MET 111 91  91 MET MET A . n 
A 1 112 LYS 112 92  92 LYS LYS A . n 
A 1 113 LYS 113 93  93 LYS LYS A . n 
A 1 114 GLU 114 94  94 GLU GLU A . n 
# 
loop_
_software.name 
_software.classification 
_software.version 
_software.citation_id 
_software.pdbx_ordinal 
HKL-2000 'data collection' .   ? 1 
SHELXCD  phasing           .   ? 2 
SHELXE   'model building'  .   ? 3 
CNS      refinement        1.2 ? 4 
HKL-2000 'data reduction'  .   ? 5 
HKL-2000 'data scaling'    .   ? 6 
# 
_cell.entry_id           3HZQ 
_cell.length_a           138.589 
_cell.length_b           138.589 
_cell.length_c           138.589 
_cell.angle_alpha        90.00 
_cell.angle_beta         90.00 
_cell.angle_gamma        90.00 
_cell.Z_PDB              48 
_cell.pdbx_unique_axis   ? 
_cell.length_a_esd       ? 
_cell.length_b_esd       ? 
_cell.length_c_esd       ? 
_cell.angle_alpha_esd    ? 
_cell.angle_beta_esd     ? 
_cell.angle_gamma_esd    ? 
# 
_symmetry.entry_id                         3HZQ 
_symmetry.space_group_name_H-M             'I 4 3 2' 
_symmetry.pdbx_full_space_group_name_H-M   ? 
_symmetry.cell_setting                     ? 
_symmetry.Int_Tables_number                211 
_symmetry.space_group_name_Hall            ? 
# 
_exptl.entry_id          3HZQ 
_exptl.method            'X-RAY DIFFRACTION' 
_exptl.crystals_number   1 
# 
_exptl_crystal.id                    1 
_exptl_crystal.density_meas          ? 
_exptl_crystal.density_Matthews      4.34 
_exptl_crystal.density_percent_sol   71.66 
_exptl_crystal.description           ? 
_exptl_crystal.F_000                 ? 
_exptl_crystal.preparation           ? 
# 
_exptl_crystal_grow.crystal_id      1 
_exptl_crystal_grow.method          'VAPOR DIFFUSION, HANGING DROP' 
_exptl_crystal_grow.temp            277 
_exptl_crystal_grow.temp_details    ? 
_exptl_crystal_grow.pH              7.0 
_exptl_crystal_grow.pdbx_pH_range   ? 
_exptl_crystal_grow.pdbx_details    
'24-30% PEG400, 100 mM Tris-HCl (pH7.0), 150 mM Na2SO4, VAPOR DIFFUSION, HANGING DROP, temperature 277K' 
# 
_diffrn.id                     1 
_diffrn.ambient_temp           100 
_diffrn.ambient_temp_details   ? 
_diffrn.crystal_id             1 
# 
_diffrn_detector.diffrn_id              1 
_diffrn_detector.detector               CCD 
_diffrn_detector.type                   'MARMOSAIC 325 mm CCD' 
_diffrn_detector.pdbx_collection_date   2009-01-23 
_diffrn_detector.details                ? 
# 
_diffrn_radiation.diffrn_id                        1 
_diffrn_radiation.wavelength_id                    1 
_diffrn_radiation.pdbx_monochromatic_or_laue_m_l   M 
_diffrn_radiation.monochromator                    ? 
_diffrn_radiation.pdbx_diffrn_protocol             'SINGLE WAVELENGTH' 
_diffrn_radiation.pdbx_scattering_type             x-ray 
# 
_diffrn_radiation_wavelength.id           1 
_diffrn_radiation_wavelength.wavelength   1.00000 
_diffrn_radiation_wavelength.wt           1.0 
# 
_diffrn_source.diffrn_id                   1 
_diffrn_source.source                      SYNCHROTRON 
_diffrn_source.type                        'SSRL BEAMLINE BL12-2' 
_diffrn_source.pdbx_synchrotron_site       SSRL 
_diffrn_source.pdbx_synchrotron_beamline   BL12-2 
_diffrn_source.pdbx_wavelength             ? 
_diffrn_source.pdbx_wavelength_list        1.00000 
# 
_reflns.entry_id                     3HZQ 
_reflns.observed_criterion_sigma_I   2 
_reflns.observed_criterion_sigma_F   2 
_reflns.d_resolution_low             50 
_reflns.d_resolution_high            3.8 
_reflns.number_obs                   2395 
_reflns.number_all                   2409 
_reflns.percent_possible_obs         99.4 
_reflns.pdbx_Rmerge_I_obs            0.040 
_reflns.pdbx_Rsym_value              ? 
_reflns.pdbx_netI_over_sigmaI        41.8 
_reflns.B_iso_Wilson_estimate        . 
_reflns.pdbx_redundancy              14 
_reflns.R_free_details               ? 
_reflns.limit_h_max                  ? 
_reflns.limit_h_min                  ? 
_reflns.limit_k_max                  ? 
_reflns.limit_k_min                  ? 
_reflns.limit_l_max                  ? 
_reflns.limit_l_min                  ? 
_reflns.observed_criterion_F_max     ? 
_reflns.observed_criterion_F_min     ? 
_reflns.pdbx_chi_squared             ? 
_reflns.pdbx_scaling_rejects         ? 
_reflns.pdbx_diffrn_id               1 
_reflns.pdbx_ordinal                 1 
# 
_reflns_shell.d_res_high             3.8 
_reflns_shell.d_res_low              3.89 
_reflns_shell.percent_possible_all   100 
_reflns_shell.Rmerge_I_obs           0.776 
_reflns_shell.pdbx_Rsym_value        ? 
_reflns_shell.meanI_over_sigI_obs    3.3 
_reflns_shell.pdbx_redundancy        12.4 
_reflns_shell.percent_possible_obs   ? 
_reflns_shell.number_unique_all      ? 
_reflns_shell.number_measured_all    ? 
_reflns_shell.number_measured_obs    ? 
_reflns_shell.number_unique_obs      ? 
_reflns_shell.pdbx_chi_squared       ? 
_reflns_shell.pdbx_diffrn_id         ? 
_reflns_shell.pdbx_ordinal           1 
# 
_refine.pdbx_refine_id                           'X-RAY DIFFRACTION' 
_refine.entry_id                                 3HZQ 
_refine.ls_number_reflns_obs                     2211 
_refine.ls_number_reflns_all                     ? 
_refine.pdbx_ls_sigma_I                          ? 
_refine.pdbx_ls_sigma_F                          0.0 
_refine.pdbx_data_cutoff_high_absF               821326.34 
_refine.pdbx_data_cutoff_low_absF                0.000000 
_refine.pdbx_data_cutoff_high_rms_absF           ? 
_refine.ls_d_res_low                             40.01 
_refine.ls_d_res_high                            3.82 
_refine.ls_percent_reflns_obs                    91.8 
_refine.ls_R_factor_obs                          0.292 
_refine.ls_R_factor_all                          ? 
_refine.ls_R_factor_R_work                       0.292 
_refine.ls_R_factor_R_free                       0.312 
_refine.ls_R_factor_R_free_error                 0.021 
_refine.ls_R_factor_R_free_error_details         ? 
_refine.ls_percent_reflns_R_free                 10.0 
_refine.ls_number_reflns_R_free                  221 
_refine.ls_number_parameters                     ? 
_refine.ls_number_restraints                     ? 
_refine.occupancy_min                            ? 
_refine.occupancy_max                            ? 
_refine.correlation_coeff_Fo_to_Fc               ? 
_refine.correlation_coeff_Fo_to_Fc_free          ? 
_refine.B_iso_mean                               246.8 
_refine.aniso_B[1][1]                            0.00 
_refine.aniso_B[2][2]                            0.00 
_refine.aniso_B[3][3]                            0.00 
_refine.aniso_B[1][2]                            0.00 
_refine.aniso_B[1][3]                            0.00 
_refine.aniso_B[2][3]                            0.00 
_refine.solvent_model_details                    'FLAT MODEL' 
_refine.solvent_model_param_ksol                 0.25 
_refine.solvent_model_param_bsol                 169.153 
_refine.pdbx_solvent_vdw_probe_radii             ? 
_refine.pdbx_solvent_ion_probe_radii             ? 
_refine.pdbx_solvent_shrinkage_radii             ? 
_refine.pdbx_ls_cross_valid_method               THROUGHOUT 
_refine.details                                  'BULK SOLVENT MODEL USED' 
_refine.pdbx_starting_model                      ? 
_refine.pdbx_method_to_determine_struct          MIRAS 
_refine.pdbx_isotropic_thermal_model             RESTRAINED 
_refine.pdbx_stereochemistry_target_values       'Engh & Huber' 
_refine.pdbx_stereochem_target_val_spec_case     ? 
_refine.pdbx_R_Free_selection_details            RANDOM 
_refine.pdbx_overall_ESU_R                       ? 
_refine.pdbx_overall_ESU_R_Free                  ? 
_refine.overall_SU_ML                            ? 
_refine.pdbx_overall_phase_error                 ? 
_refine.overall_SU_B                             ? 
_refine.ls_redundancy_reflns_obs                 ? 
_refine.B_iso_min                                ? 
_refine.B_iso_max                                ? 
_refine.overall_SU_R_Cruickshank_DPI             ? 
_refine.overall_SU_R_free                        ? 
_refine.ls_wR_factor_R_free                      ? 
_refine.ls_wR_factor_R_work                      ? 
_refine.overall_FOM_free_R_set                   ? 
_refine.overall_FOM_work_R_set                   ? 
_refine.pdbx_diffrn_id                           1 
_refine.pdbx_TLS_residual_ADP_flag               ? 
_refine.pdbx_overall_SU_R_free_Cruickshank_DPI   ? 
_refine.pdbx_overall_SU_R_Blow_DPI               ? 
_refine.pdbx_overall_SU_R_free_Blow_DPI          ? 
# 
_refine_analyze.pdbx_refine_id                  'X-RAY DIFFRACTION' 
_refine_analyze.entry_id                        3HZQ 
_refine_analyze.Luzzati_coordinate_error_obs    0.80 
_refine_analyze.Luzzati_sigma_a_obs             0.55 
_refine_analyze.Luzzati_d_res_low_obs           8.00 
_refine_analyze.Luzzati_coordinate_error_free   1.09 
_refine_analyze.Luzzati_sigma_a_free            0.56 
_refine_analyze.Luzzati_d_res_low_free          ? 
_refine_analyze.number_disordered_residues      ? 
_refine_analyze.occupancy_sum_hydrogen          ? 
_refine_analyze.occupancy_sum_non_hydrogen      ? 
_refine_analyze.pdbx_Luzzati_d_res_high_obs     ? 
# 
_refine_hist.pdbx_refine_id                   'X-RAY DIFFRACTION' 
_refine_hist.cycle_id                         LAST 
_refine_hist.pdbx_number_atoms_protein        748 
_refine_hist.pdbx_number_atoms_nucleic_acid   0 
_refine_hist.pdbx_number_atoms_ligand         0 
_refine_hist.number_atoms_solvent             0 
_refine_hist.number_atoms_total               748 
_refine_hist.d_res_high                       3.82 
_refine_hist.d_res_low                        40.01 
# 
loop_
_refine_ls_restr.type 
_refine_ls_restr.dev_ideal 
_refine_ls_restr.dev_ideal_target 
_refine_ls_restr.weight 
_refine_ls_restr.number 
_refine_ls_restr.pdbx_refine_id 
_refine_ls_restr.pdbx_restraint_function 
c_bond_d                0.010 ? ? ? 'X-RAY DIFFRACTION' ? 
c_bond_d_na             ?     ? ? ? 'X-RAY DIFFRACTION' ? 
c_bond_d_prot           ?     ? ? ? 'X-RAY DIFFRACTION' ? 
c_angle_d               ?     ? ? ? 'X-RAY DIFFRACTION' ? 
c_angle_d_na            ?     ? ? ? 'X-RAY DIFFRACTION' ? 
c_angle_d_prot          ?     ? ? ? 'X-RAY DIFFRACTION' ? 
c_angle_deg             2.0   ? ? ? 'X-RAY DIFFRACTION' ? 
c_angle_deg_na          ?     ? ? ? 'X-RAY DIFFRACTION' ? 
c_angle_deg_prot        ?     ? ? ? 'X-RAY DIFFRACTION' ? 
c_dihedral_angle_d      18.9  ? ? ? 'X-RAY DIFFRACTION' ? 
c_dihedral_angle_d_na   ?     ? ? ? 'X-RAY DIFFRACTION' ? 
c_dihedral_angle_d_prot ?     ? ? ? 'X-RAY DIFFRACTION' ? 
c_improper_angle_d      1.01  ? ? ? 'X-RAY DIFFRACTION' ? 
c_improper_angle_d_na   ?     ? ? ? 'X-RAY DIFFRACTION' ? 
c_improper_angle_d_prot ?     ? ? ? 'X-RAY DIFFRACTION' ? 
c_mcbond_it             ?     ? ? ? 'X-RAY DIFFRACTION' ? 
c_mcangle_it            ?     ? ? ? 'X-RAY DIFFRACTION' ? 
c_scbond_it             ?     ? ? ? 'X-RAY DIFFRACTION' ? 
c_scangle_it            ?     ? ? ? 'X-RAY DIFFRACTION' ? 
# 
_refine_ls_restr_ncs.pdbx_refine_id      'X-RAY DIFFRACTION' 
_refine_ls_restr_ncs.dom_id              1 
_refine_ls_restr_ncs.ncs_model_details   NONE 
_refine_ls_restr_ncs.rms_dev_position    ? 
_refine_ls_restr_ncs.weight_position     ? 
_refine_ls_restr_ncs.rms_dev_B_iso       ? 
_refine_ls_restr_ncs.weight_B_iso        ? 
_refine_ls_restr_ncs.pdbx_ordinal        1 
_refine_ls_restr_ncs.pdbx_type           . 
_refine_ls_restr_ncs.pdbx_auth_asym_id   . 
_refine_ls_restr_ncs.pdbx_ens_id         1 
_refine_ls_restr_ncs.pdbx_number         ? 
_refine_ls_restr_ncs.pdbx_asym_id        ? 
_refine_ls_restr_ncs.pdbx_rms            ? 
_refine_ls_restr_ncs.pdbx_weight         ? 
# 
_refine_ls_shell.pdbx_refine_id                   'X-RAY DIFFRACTION' 
_refine_ls_shell.pdbx_total_number_of_bins_used   6 
_refine_ls_shell.d_res_high                       3.80 
_refine_ls_shell.d_res_low                        4.04 
_refine_ls_shell.number_reflns_R_work             282 
_refine_ls_shell.R_factor_R_work                  0.407 
_refine_ls_shell.percent_reflns_obs               78.7 
_refine_ls_shell.R_factor_R_free                  0.447 
_refine_ls_shell.R_factor_R_free_error            0.083 
_refine_ls_shell.percent_reflns_R_free            9.3 
_refine_ls_shell.number_reflns_R_free             29 
_refine_ls_shell.number_reflns_all                ? 
_refine_ls_shell.R_factor_all                     ? 
_refine_ls_shell.redundancy_reflns_obs            ? 
_refine_ls_shell.number_reflns_obs                ? 
# 
_pdbx_xplor_file.pdbx_refine_id   'X-RAY DIFFRACTION' 
_pdbx_xplor_file.serial_no        1 
_pdbx_xplor_file.param_file       protein_rep.param 
_pdbx_xplor_file.topol_file       protein.top 
# 
_struct_ncs_dom.id            1 
_struct_ncs_dom.details       ? 
_struct_ncs_dom.pdbx_ens_id   1 
# 
_struct_ncs_ens.id        1 
_struct_ncs_ens.details   ? 
# 
_struct.entry_id                  3HZQ 
_struct.title                     'Structure of a tetrameric MscL in an expanded intermediate state' 
_struct.pdbx_model_details        ? 
_struct.pdbx_CASP_flag            N 
_struct.pdbx_model_type_details   ? 
# 
_struct_keywords.entry_id        3HZQ 
_struct_keywords.pdbx_keywords   'MEMBRANE PROTEIN' 
_struct_keywords.text            
;intermediate state Mechanosensitive channel osmoregulation, Cell membrane, Ion transport, Ionic channel, Membrane, Transmembrane, Transport, MEMBRANE PROTEIN
;
# 
_struct_asym.id                            A 
_struct_asym.pdbx_blank_PDB_chainid_flag   N 
_struct_asym.pdbx_modified                 N 
_struct_asym.entity_id                     1 
_struct_asym.details                       ? 
# 
_struct_ref.id                         1 
_struct_ref.db_name                    UNP 
_struct_ref.db_code                    MSCL_STAAW 
_struct_ref.pdbx_db_accession          P68806 
_struct_ref.entity_id                  1 
_struct_ref.pdbx_seq_one_letter_code   
;MLKEFKEFALKGNVLDLAIAVVMGAAFNKIISSLVENIIMPLIGKIFGSVDFAKEWSFWGIKYGLFIQSVIDFIIIAFAL
FIFVKIANTLMKKE
;
_struct_ref.pdbx_align_begin           1 
_struct_ref.pdbx_db_isoform            ? 
# 
_struct_ref_seq.align_id                      1 
_struct_ref_seq.ref_id                        1 
_struct_ref_seq.pdbx_PDB_id_code              3HZQ 
_struct_ref_seq.pdbx_strand_id                A 
_struct_ref_seq.seq_align_beg                 21 
_struct_ref_seq.pdbx_seq_align_beg_ins_code   ? 
_struct_ref_seq.seq_align_end                 114 
_struct_ref_seq.pdbx_seq_align_end_ins_code   ? 
_struct_ref_seq.pdbx_db_accession             P68806 
_struct_ref_seq.db_align_beg                  1 
_struct_ref_seq.pdbx_db_align_beg_ins_code    ? 
_struct_ref_seq.db_align_end                  94 
_struct_ref_seq.pdbx_db_align_end_ins_code    ? 
_struct_ref_seq.pdbx_auth_seq_align_beg       1 
_struct_ref_seq.pdbx_auth_seq_align_end       94 
# 
loop_
_struct_ref_seq_dif.align_id 
_struct_ref_seq_dif.pdbx_pdb_id_code 
_struct_ref_seq_dif.mon_id 
_struct_ref_seq_dif.pdbx_pdb_strand_id 
_struct_ref_seq_dif.seq_num 
_struct_ref_seq_dif.pdbx_pdb_ins_code 
_struct_ref_seq_dif.pdbx_seq_db_name 
_struct_ref_seq_dif.pdbx_seq_db_accession_code 
_struct_ref_seq_dif.db_mon_id 
_struct_ref_seq_dif.pdbx_seq_db_seq_num 
_struct_ref_seq_dif.details 
_struct_ref_seq_dif.pdbx_auth_seq_num 
_struct_ref_seq_dif.pdbx_ordinal 
1 3HZQ MET A 1  ? UNP P68806 ?   ?  'expression tag'      -19 1  
1 3HZQ GLY A 2  ? UNP P68806 ?   ?  'expression tag'      -18 2  
1 3HZQ SER A 3  ? UNP P68806 ?   ?  'expression tag'      -17 3  
1 3HZQ SER A 4  ? UNP P68806 ?   ?  'expression tag'      -16 4  
1 3HZQ HIS A 5  ? UNP P68806 ?   ?  'expression tag'      -15 5  
1 3HZQ HIS A 6  ? UNP P68806 ?   ?  'expression tag'      -14 6  
1 3HZQ HIS A 7  ? UNP P68806 ?   ?  'expression tag'      -13 7  
1 3HZQ HIS A 8  ? UNP P68806 ?   ?  'expression tag'      -12 8  
1 3HZQ HIS A 9  ? UNP P68806 ?   ?  'expression tag'      -11 9  
1 3HZQ HIS A 10 ? UNP P68806 ?   ?  'expression tag'      -10 10 
1 3HZQ SER A 11 ? UNP P68806 ?   ?  'expression tag'      -9  11 
1 3HZQ SER A 12 ? UNP P68806 ?   ?  'expression tag'      -8  12 
1 3HZQ GLY A 13 ? UNP P68806 ?   ?  'expression tag'      -7  13 
1 3HZQ LEU A 14 ? UNP P68806 ?   ?  'expression tag'      -6  14 
1 3HZQ VAL A 15 ? UNP P68806 ?   ?  'expression tag'      -5  15 
1 3HZQ PRO A 16 ? UNP P68806 ?   ?  'expression tag'      -4  16 
1 3HZQ ARG A 17 ? UNP P68806 ?   ?  'expression tag'      -3  17 
1 3HZQ GLY A 18 ? UNP P68806 ?   ?  'expression tag'      -2  18 
1 3HZQ SER A 19 ? UNP P68806 ?   ?  'expression tag'      -1  19 
1 3HZQ HIS A 20 ? UNP P68806 ?   ?  'expression tag'      0   20 
1 3HZQ CYS A 52 ? UNP P68806 SER 32 'engineered mutation' 32  21 
# 
_pdbx_struct_assembly.id                   1 
_pdbx_struct_assembly.details              author_and_software_defined_assembly 
_pdbx_struct_assembly.method_details       PISA 
_pdbx_struct_assembly.oligomeric_details   tetrameric 
_pdbx_struct_assembly.oligomeric_count     4 
# 
loop_
_pdbx_struct_assembly_prop.biol_id 
_pdbx_struct_assembly_prop.type 
_pdbx_struct_assembly_prop.value 
_pdbx_struct_assembly_prop.details 
1 'ABSA (A^2)' 8240  ? 
1 MORE         -89   ? 
1 'SSA (A^2)'  27200 ? 
# 
_pdbx_struct_assembly_gen.assembly_id       1 
_pdbx_struct_assembly_gen.oper_expression   1,2,3,4 
_pdbx_struct_assembly_gen.asym_id_list      A 
# 
loop_
_pdbx_struct_oper_list.id 
_pdbx_struct_oper_list.type 
_pdbx_struct_oper_list.name 
_pdbx_struct_oper_list.symmetry_operation 
_pdbx_struct_oper_list.matrix[1][1] 
_pdbx_struct_oper_list.matrix[1][2] 
_pdbx_struct_oper_list.matrix[1][3] 
_pdbx_struct_oper_list.vector[1] 
_pdbx_struct_oper_list.matrix[2][1] 
_pdbx_struct_oper_list.matrix[2][2] 
_pdbx_struct_oper_list.matrix[2][3] 
_pdbx_struct_oper_list.vector[2] 
_pdbx_struct_oper_list.matrix[3][1] 
_pdbx_struct_oper_list.matrix[3][2] 
_pdbx_struct_oper_list.matrix[3][3] 
_pdbx_struct_oper_list.vector[3] 
1 'identity operation'         1_555  x,y,z   1.0000000000  0.0000000000  0.0000000000  0.0000000000   0.0000000000  1.0000000000 0.0000000000 0.0000000000  0.0000000000  0.0000000000 1.0000000000  0.0000000000  
2 'crystal symmetry operation' 4_555  x,-y,-z -0.9822383591 0.1769635060  0.0623836800  -20.2175844228 0.1769635060  0.7631300264 0.6215436271 1.7914606802  0.0623836800  0.6215436271 -0.7808916673 0.6744442177  
3 'crystal symmetry operation' 17_555 x,z,-y  0.0088808205  0.4194714301  -0.9077250963 -10.0886461582 -0.2425079241 0.8815650132 0.4050099187 -2.4819547022 0.9701087763  0.2165337084 0.1095541663  9.9129502513  
4 'crystal symmetry operation' 20_555 x,-z,y  0.0088808205  -0.2425079241 0.9701087763  -10.1289382647 0.4194714301  0.8815650132 0.2165337084 4.2734153824  -0.9077250963 0.4050099187 0.1095541663  -9.2385060336 
# 
_struct_biol.id        1 
_struct_biol.details   ? 
# 
loop_
_struct_conf.conf_type_id 
_struct_conf.id 
_struct_conf.pdbx_PDB_helix_id 
_struct_conf.beg_label_comp_id 
_struct_conf.beg_label_asym_id 
_struct_conf.beg_label_seq_id 
_struct_conf.pdbx_beg_PDB_ins_code 
_struct_conf.end_label_comp_id 
_struct_conf.end_label_asym_id 
_struct_conf.end_label_seq_id 
_struct_conf.pdbx_end_PDB_ins_code 
_struct_conf.beg_auth_comp_id 
_struct_conf.beg_auth_asym_id 
_struct_conf.beg_auth_seq_id 
_struct_conf.end_auth_comp_id 
_struct_conf.end_auth_asym_id 
_struct_conf.end_auth_seq_id 
_struct_conf.pdbx_PDB_helix_class 
_struct_conf.details 
_struct_conf.pdbx_PDB_helix_length 
HELX_P HELX_P1 1 VAL A 34 ? ILE A 58  ? VAL A 14 ILE A 38 1 ? 25 
HELX_P HELX_P2 2 ILE A 58 ? ILE A 66  ? ILE A 38 ILE A 46 1 ? 9  
HELX_P HELX_P3 3 GLY A 84 ? LEU A 110 ? GLY A 64 LEU A 90 1 ? 27 
# 
_struct_conf_type.id          HELX_P 
_struct_conf_type.criteria    ? 
_struct_conf_type.reference   ? 
# 
loop_
_pdbx_validate_rmsd_angle.id 
_pdbx_validate_rmsd_angle.PDB_model_num 
_pdbx_validate_rmsd_angle.auth_atom_id_1 
_pdbx_validate_rmsd_angle.auth_asym_id_1 
_pdbx_validate_rmsd_angle.auth_comp_id_1 
_pdbx_validate_rmsd_angle.auth_seq_id_1 
_pdbx_validate_rmsd_angle.PDB_ins_code_1 
_pdbx_validate_rmsd_angle.label_alt_id_1 
_pdbx_validate_rmsd_angle.auth_atom_id_2 
_pdbx_validate_rmsd_angle.auth_asym_id_2 
_pdbx_validate_rmsd_angle.auth_comp_id_2 
_pdbx_validate_rmsd_angle.auth_seq_id_2 
_pdbx_validate_rmsd_angle.PDB_ins_code_2 
_pdbx_validate_rmsd_angle.label_alt_id_2 
_pdbx_validate_rmsd_angle.auth_atom_id_3 
_pdbx_validate_rmsd_angle.auth_asym_id_3 
_pdbx_validate_rmsd_angle.auth_comp_id_3 
_pdbx_validate_rmsd_angle.auth_seq_id_3 
_pdbx_validate_rmsd_angle.PDB_ins_code_3 
_pdbx_validate_rmsd_angle.label_alt_id_3 
_pdbx_validate_rmsd_angle.angle_value 
_pdbx_validate_rmsd_angle.angle_target_value 
_pdbx_validate_rmsd_angle.angle_deviation 
_pdbx_validate_rmsd_angle.angle_standard_deviation 
_pdbx_validate_rmsd_angle.linker_flag 
1 1 N A VAL 14 ? ? CA A VAL 14 ? ? C A VAL 14 ? ? 94.24 111.00 -16.76 2.70 N 
2 1 N A GLY 60 ? ? CA A GLY 60 ? ? C A GLY 60 ? ? 94.51 113.10 -18.59 2.50 N 
# 
loop_
_pdbx_validate_torsion.id 
_pdbx_validate_torsion.PDB_model_num 
_pdbx_validate_torsion.auth_comp_id 
_pdbx_validate_torsion.auth_asym_id 
_pdbx_validate_torsion.auth_seq_id 
_pdbx_validate_torsion.PDB_ins_code 
_pdbx_validate_torsion.label_alt_id 
_pdbx_validate_torsion.phi 
_pdbx_validate_torsion.psi 
1  1 LEU A 2  ? ? -114.24 -94.25  
2  1 GLU A 4  ? ? -127.78 -130.82 
3  1 ALA A 9  ? ? 171.75  -81.71  
4  1 LYS A 11 ? ? -68.45  82.74   
5  1 ASN A 13 ? ? -71.54  48.66   
6  1 ILE A 38 ? ? -113.69 -78.54  
7  1 ILE A 43 ? ? -44.47  -18.24  
8  1 ILE A 46 ? ? -121.16 -99.09  
9  1 PHE A 47 ? ? -41.36  -13.13  
10 1 VAL A 50 ? ? -59.69  -76.43  
11 1 ALA A 53 ? ? -166.05 -7.93   
12 1 LYS A 54 ? ? -69.30  33.52   
13 1 SER A 57 ? ? 174.01  148.37  
14 1 PHE A 58 ? ? -163.90 72.48   
15 1 PHE A 81 ? ? -44.87  -75.45  
16 1 LEU A 90 ? ? -76.67  49.07   
# 
loop_
_pdbx_unobs_or_zero_occ_residues.id 
_pdbx_unobs_or_zero_occ_residues.PDB_model_num 
_pdbx_unobs_or_zero_occ_residues.polymer_flag 
_pdbx_unobs_or_zero_occ_residues.occupancy_flag 
_pdbx_unobs_or_zero_occ_residues.auth_asym_id 
_pdbx_unobs_or_zero_occ_residues.auth_comp_id 
_pdbx_unobs_or_zero_occ_residues.auth_seq_id 
_pdbx_unobs_or_zero_occ_residues.PDB_ins_code 
_pdbx_unobs_or_zero_occ_residues.label_asym_id 
_pdbx_unobs_or_zero_occ_residues.label_comp_id 
_pdbx_unobs_or_zero_occ_residues.label_seq_id 
1  1 Y 1 A MET -19 ? A MET 1  
2  1 Y 1 A GLY -18 ? A GLY 2  
3  1 Y 1 A SER -17 ? A SER 3  
4  1 Y 1 A SER -16 ? A SER 4  
5  1 Y 1 A HIS -15 ? A HIS 5  
6  1 Y 1 A HIS -14 ? A HIS 6  
7  1 Y 1 A HIS -13 ? A HIS 7  
8  1 Y 1 A HIS -12 ? A HIS 8  
9  1 Y 1 A HIS -11 ? A HIS 9  
10 1 Y 1 A HIS -10 ? A HIS 10 
11 1 Y 1 A SER -9  ? A SER 11 
12 1 Y 1 A SER -8  ? A SER 12 
13 1 Y 1 A GLY -7  ? A GLY 13 
14 1 Y 1 A LEU -6  ? A LEU 14 
15 1 Y 1 A VAL -5  ? A VAL 15 
16 1 Y 1 A PRO -4  ? A PRO 16 
17 1 Y 1 A ARG -3  ? A ARG 17 
18 1 Y 1 A GLY -2  ? A GLY 18 
19 1 Y 1 A SER -1  ? A SER 19 
20 1 Y 1 A HIS 0   ? A HIS 20 
# 
loop_
_chem_comp_atom.comp_id 
_chem_comp_atom.atom_id 
_chem_comp_atom.type_symbol 
_chem_comp_atom.pdbx_aromatic_flag 
_chem_comp_atom.pdbx_stereo_config 
_chem_comp_atom.pdbx_ordinal 
ALA N    N N N 1   
ALA CA   C N S 2   
ALA C    C N N 3   
ALA O    O N N 4   
ALA CB   C N N 5   
ALA OXT  O N N 6   
ALA H    H N N 7   
ALA H2   H N N 8   
ALA HA   H N N 9   
ALA HB1  H N N 10  
ALA HB2  H N N 11  
ALA HB3  H N N 12  
ALA HXT  H N N 13  
ARG N    N N N 14  
ARG CA   C N S 15  
ARG C    C N N 16  
ARG O    O N N 17  
ARG CB   C N N 18  
ARG CG   C N N 19  
ARG CD   C N N 20  
ARG NE   N N N 21  
ARG CZ   C N N 22  
ARG NH1  N N N 23  
ARG NH2  N N N 24  
ARG OXT  O N N 25  
ARG H    H N N 26  
ARG H2   H N N 27  
ARG HA   H N N 28  
ARG HB2  H N N 29  
ARG HB3  H N N 30  
ARG HG2  H N N 31  
ARG HG3  H N N 32  
ARG HD2  H N N 33  
ARG HD3  H N N 34  
ARG HE   H N N 35  
ARG HH11 H N N 36  
ARG HH12 H N N 37  
ARG HH21 H N N 38  
ARG HH22 H N N 39  
ARG HXT  H N N 40  
ASN N    N N N 41  
ASN CA   C N S 42  
ASN C    C N N 43  
ASN O    O N N 44  
ASN CB   C N N 45  
ASN CG   C N N 46  
ASN OD1  O N N 47  
ASN ND2  N N N 48  
ASN OXT  O N N 49  
ASN H    H N N 50  
ASN H2   H N N 51  
ASN HA   H N N 52  
ASN HB2  H N N 53  
ASN HB3  H N N 54  
ASN HD21 H N N 55  
ASN HD22 H N N 56  
ASN HXT  H N N 57  
ASP N    N N N 58  
ASP CA   C N S 59  
ASP C    C N N 60  
ASP O    O N N 61  
ASP CB   C N N 62  
ASP CG   C N N 63  
ASP OD1  O N N 64  
ASP OD2  O N N 65  
ASP OXT  O N N 66  
ASP H    H N N 67  
ASP H2   H N N 68  
ASP HA   H N N 69  
ASP HB2  H N N 70  
ASP HB3  H N N 71  
ASP HD2  H N N 72  
ASP HXT  H N N 73  
CYS N    N N N 74  
CYS CA   C N R 75  
CYS C    C N N 76  
CYS O    O N N 77  
CYS CB   C N N 78  
CYS SG   S N N 79  
CYS OXT  O N N 80  
CYS H    H N N 81  
CYS H2   H N N 82  
CYS HA   H N N 83  
CYS HB2  H N N 84  
CYS HB3  H N N 85  
CYS HG   H N N 86  
CYS HXT  H N N 87  
GLN N    N N N 88  
GLN CA   C N S 89  
GLN C    C N N 90  
GLN O    O N N 91  
GLN CB   C N N 92  
GLN CG   C N N 93  
GLN CD   C N N 94  
GLN OE1  O N N 95  
GLN NE2  N N N 96  
GLN OXT  O N N 97  
GLN H    H N N 98  
GLN H2   H N N 99  
GLN HA   H N N 100 
GLN HB2  H N N 101 
GLN HB3  H N N 102 
GLN HG2  H N N 103 
GLN HG3  H N N 104 
GLN HE21 H N N 105 
GLN HE22 H N N 106 
GLN HXT  H N N 107 
GLU N    N N N 108 
GLU CA   C N S 109 
GLU C    C N N 110 
GLU O    O N N 111 
GLU CB   C N N 112 
GLU CG   C N N 113 
GLU CD   C N N 114 
GLU OE1  O N N 115 
GLU OE2  O N N 116 
GLU OXT  O N N 117 
GLU H    H N N 118 
GLU H2   H N N 119 
GLU HA   H N N 120 
GLU HB2  H N N 121 
GLU HB3  H N N 122 
GLU HG2  H N N 123 
GLU HG3  H N N 124 
GLU HE2  H N N 125 
GLU HXT  H N N 126 
GLY N    N N N 127 
GLY CA   C N N 128 
GLY C    C N N 129 
GLY O    O N N 130 
GLY OXT  O N N 131 
GLY H    H N N 132 
GLY H2   H N N 133 
GLY HA2  H N N 134 
GLY HA3  H N N 135 
GLY HXT  H N N 136 
HIS N    N N N 137 
HIS CA   C N S 138 
HIS C    C N N 139 
HIS O    O N N 140 
HIS CB   C N N 141 
HIS CG   C Y N 142 
HIS ND1  N Y N 143 
HIS CD2  C Y N 144 
HIS CE1  C Y N 145 
HIS NE2  N Y N 146 
HIS OXT  O N N 147 
HIS H    H N N 148 
HIS H2   H N N 149 
HIS HA   H N N 150 
HIS HB2  H N N 151 
HIS HB3  H N N 152 
HIS HD1  H N N 153 
HIS HD2  H N N 154 
HIS HE1  H N N 155 
HIS HE2  H N N 156 
HIS HXT  H N N 157 
ILE N    N N N 158 
ILE CA   C N S 159 
ILE C    C N N 160 
ILE O    O N N 161 
ILE CB   C N S 162 
ILE CG1  C N N 163 
ILE CG2  C N N 164 
ILE CD1  C N N 165 
ILE OXT  O N N 166 
ILE H    H N N 167 
ILE H2   H N N 168 
ILE HA   H N N 169 
ILE HB   H N N 170 
ILE HG12 H N N 171 
ILE HG13 H N N 172 
ILE HG21 H N N 173 
ILE HG22 H N N 174 
ILE HG23 H N N 175 
ILE HD11 H N N 176 
ILE HD12 H N N 177 
ILE HD13 H N N 178 
ILE HXT  H N N 179 
LEU N    N N N 180 
LEU CA   C N S 181 
LEU C    C N N 182 
LEU O    O N N 183 
LEU CB   C N N 184 
LEU CG   C N N 185 
LEU CD1  C N N 186 
LEU CD2  C N N 187 
LEU OXT  O N N 188 
LEU H    H N N 189 
LEU H2   H N N 190 
LEU HA   H N N 191 
LEU HB2  H N N 192 
LEU HB3  H N N 193 
LEU HG   H N N 194 
LEU HD11 H N N 195 
LEU HD12 H N N 196 
LEU HD13 H N N 197 
LEU HD21 H N N 198 
LEU HD22 H N N 199 
LEU HD23 H N N 200 
LEU HXT  H N N 201 
LYS N    N N N 202 
LYS CA   C N S 203 
LYS C    C N N 204 
LYS O    O N N 205 
LYS CB   C N N 206 
LYS CG   C N N 207 
LYS CD   C N N 208 
LYS CE   C N N 209 
LYS NZ   N N N 210 
LYS OXT  O N N 211 
LYS H    H N N 212 
LYS H2   H N N 213 
LYS HA   H N N 214 
LYS HB2  H N N 215 
LYS HB3  H N N 216 
LYS HG2  H N N 217 
LYS HG3  H N N 218 
LYS HD2  H N N 219 
LYS HD3  H N N 220 
LYS HE2  H N N 221 
LYS HE3  H N N 222 
LYS HZ1  H N N 223 
LYS HZ2  H N N 224 
LYS HZ3  H N N 225 
LYS HXT  H N N 226 
MET N    N N N 227 
MET CA   C N S 228 
MET C    C N N 229 
MET O    O N N 230 
MET CB   C N N 231 
MET CG   C N N 232 
MET SD   S N N 233 
MET CE   C N N 234 
MET OXT  O N N 235 
MET H    H N N 236 
MET H2   H N N 237 
MET HA   H N N 238 
MET HB2  H N N 239 
MET HB3  H N N 240 
MET HG2  H N N 241 
MET HG3  H N N 242 
MET HE1  H N N 243 
MET HE2  H N N 244 
MET HE3  H N N 245 
MET HXT  H N N 246 
PHE N    N N N 247 
PHE CA   C N S 248 
PHE C    C N N 249 
PHE O    O N N 250 
PHE CB   C N N 251 
PHE CG   C Y N 252 
PHE CD1  C Y N 253 
PHE CD2  C Y N 254 
PHE CE1  C Y N 255 
PHE CE2  C Y N 256 
PHE CZ   C Y N 257 
PHE OXT  O N N 258 
PHE H    H N N 259 
PHE H2   H N N 260 
PHE HA   H N N 261 
PHE HB2  H N N 262 
PHE HB3  H N N 263 
PHE HD1  H N N 264 
PHE HD2  H N N 265 
PHE HE1  H N N 266 
PHE HE2  H N N 267 
PHE HZ   H N N 268 
PHE HXT  H N N 269 
PRO N    N N N 270 
PRO CA   C N S 271 
PRO C    C N N 272 
PRO O    O N N 273 
PRO CB   C N N 274 
PRO CG   C N N 275 
PRO CD   C N N 276 
PRO OXT  O N N 277 
PRO H    H N N 278 
PRO HA   H N N 279 
PRO HB2  H N N 280 
PRO HB3  H N N 281 
PRO HG2  H N N 282 
PRO HG3  H N N 283 
PRO HD2  H N N 284 
PRO HD3  H N N 285 
PRO HXT  H N N 286 
SER N    N N N 287 
SER CA   C N S 288 
SER C    C N N 289 
SER O    O N N 290 
SER CB   C N N 291 
SER OG   O N N 292 
SER OXT  O N N 293 
SER H    H N N 294 
SER H2   H N N 295 
SER HA   H N N 296 
SER HB2  H N N 297 
SER HB3  H N N 298 
SER HG   H N N 299 
SER HXT  H N N 300 
THR N    N N N 301 
THR CA   C N S 302 
THR C    C N N 303 
THR O    O N N 304 
THR CB   C N R 305 
THR OG1  O N N 306 
THR CG2  C N N 307 
THR OXT  O N N 308 
THR H    H N N 309 
THR H2   H N N 310 
THR HA   H N N 311 
THR HB   H N N 312 
THR HG1  H N N 313 
THR HG21 H N N 314 
THR HG22 H N N 315 
THR HG23 H N N 316 
THR HXT  H N N 317 
TRP N    N N N 318 
TRP CA   C N S 319 
TRP C    C N N 320 
TRP O    O N N 321 
TRP CB   C N N 322 
TRP CG   C Y N 323 
TRP CD1  C Y N 324 
TRP CD2  C Y N 325 
TRP NE1  N Y N 326 
TRP CE2  C Y N 327 
TRP CE3  C Y N 328 
TRP CZ2  C Y N 329 
TRP CZ3  C Y N 330 
TRP CH2  C Y N 331 
TRP OXT  O N N 332 
TRP H    H N N 333 
TRP H2   H N N 334 
TRP HA   H N N 335 
TRP HB2  H N N 336 
TRP HB3  H N N 337 
TRP HD1  H N N 338 
TRP HE1  H N N 339 
TRP HE3  H N N 340 
TRP HZ2  H N N 341 
TRP HZ3  H N N 342 
TRP HH2  H N N 343 
TRP HXT  H N N 344 
TYR N    N N N 345 
TYR CA   C N S 346 
TYR C    C N N 347 
TYR O    O N N 348 
TYR CB   C N N 349 
TYR CG   C Y N 350 
TYR CD1  C Y N 351 
TYR CD2  C Y N 352 
TYR CE1  C Y N 353 
TYR CE2  C Y N 354 
TYR CZ   C Y N 355 
TYR OH   O N N 356 
TYR OXT  O N N 357 
TYR H    H N N 358 
TYR H2   H N N 359 
TYR HA   H N N 360 
TYR HB2  H N N 361 
TYR HB3  H N N 362 
TYR HD1  H N N 363 
TYR HD2  H N N 364 
TYR HE1  H N N 365 
TYR HE2  H N N 366 
TYR HH   H N N 367 
TYR HXT  H N N 368 
VAL N    N N N 369 
VAL CA   C N S 370 
VAL C    C N N 371 
VAL O    O N N 372 
VAL CB   C N N 373 
VAL CG1  C N N 374 
VAL CG2  C N N 375 
VAL OXT  O N N 376 
VAL H    H N N 377 
VAL H2   H N N 378 
VAL HA   H N N 379 
VAL HB   H N N 380 
VAL HG11 H N N 381 
VAL HG12 H N N 382 
VAL HG13 H N N 383 
VAL HG21 H N N 384 
VAL HG22 H N N 385 
VAL HG23 H N N 386 
VAL HXT  H N N 387 
# 
loop_
_chem_comp_bond.comp_id 
_chem_comp_bond.atom_id_1 
_chem_comp_bond.atom_id_2 
_chem_comp_bond.value_order 
_chem_comp_bond.pdbx_aromatic_flag 
_chem_comp_bond.pdbx_stereo_config 
_chem_comp_bond.pdbx_ordinal 
ALA N   CA   sing N N 1   
ALA N   H    sing N N 2   
ALA N   H2   sing N N 3   
ALA CA  C    sing N N 4   
ALA CA  CB   sing N N 5   
ALA CA  HA   sing N N 6   
ALA C   O    doub N N 7   
ALA C   OXT  sing N N 8   
ALA CB  HB1  sing N N 9   
ALA CB  HB2  sing N N 10  
ALA CB  HB3  sing N N 11  
ALA OXT HXT  sing N N 12  
ARG N   CA   sing N N 13  
ARG N   H    sing N N 14  
ARG N   H2   sing N N 15  
ARG CA  C    sing N N 16  
ARG CA  CB   sing N N 17  
ARG CA  HA   sing N N 18  
ARG C   O    doub N N 19  
ARG C   OXT  sing N N 20  
ARG CB  CG   sing N N 21  
ARG CB  HB2  sing N N 22  
ARG CB  HB3  sing N N 23  
ARG CG  CD   sing N N 24  
ARG CG  HG2  sing N N 25  
ARG CG  HG3  sing N N 26  
ARG CD  NE   sing N N 27  
ARG CD  HD2  sing N N 28  
ARG CD  HD3  sing N N 29  
ARG NE  CZ   sing N N 30  
ARG NE  HE   sing N N 31  
ARG CZ  NH1  sing N N 32  
ARG CZ  NH2  doub N N 33  
ARG NH1 HH11 sing N N 34  
ARG NH1 HH12 sing N N 35  
ARG NH2 HH21 sing N N 36  
ARG NH2 HH22 sing N N 37  
ARG OXT HXT  sing N N 38  
ASN N   CA   sing N N 39  
ASN N   H    sing N N 40  
ASN N   H2   sing N N 41  
ASN CA  C    sing N N 42  
ASN CA  CB   sing N N 43  
ASN CA  HA   sing N N 44  
ASN C   O    doub N N 45  
ASN C   OXT  sing N N 46  
ASN CB  CG   sing N N 47  
ASN CB  HB2  sing N N 48  
ASN CB  HB3  sing N N 49  
ASN CG  OD1  doub N N 50  
ASN CG  ND2  sing N N 51  
ASN ND2 HD21 sing N N 52  
ASN ND2 HD22 sing N N 53  
ASN OXT HXT  sing N N 54  
ASP N   CA   sing N N 55  
ASP N   H    sing N N 56  
ASP N   H2   sing N N 57  
ASP CA  C    sing N N 58  
ASP CA  CB   sing N N 59  
ASP CA  HA   sing N N 60  
ASP C   O    doub N N 61  
ASP C   OXT  sing N N 62  
ASP CB  CG   sing N N 63  
ASP CB  HB2  sing N N 64  
ASP CB  HB3  sing N N 65  
ASP CG  OD1  doub N N 66  
ASP CG  OD2  sing N N 67  
ASP OD2 HD2  sing N N 68  
ASP OXT HXT  sing N N 69  
CYS N   CA   sing N N 70  
CYS N   H    sing N N 71  
CYS N   H2   sing N N 72  
CYS CA  C    sing N N 73  
CYS CA  CB   sing N N 74  
CYS CA  HA   sing N N 75  
CYS C   O    doub N N 76  
CYS C   OXT  sing N N 77  
CYS CB  SG   sing N N 78  
CYS CB  HB2  sing N N 79  
CYS CB  HB3  sing N N 80  
CYS SG  HG   sing N N 81  
CYS OXT HXT  sing N N 82  
GLN N   CA   sing N N 83  
GLN N   H    sing N N 84  
GLN N   H2   sing N N 85  
GLN CA  C    sing N N 86  
GLN CA  CB   sing N N 87  
GLN CA  HA   sing N N 88  
GLN C   O    doub N N 89  
GLN C   OXT  sing N N 90  
GLN CB  CG   sing N N 91  
GLN CB  HB2  sing N N 92  
GLN CB  HB3  sing N N 93  
GLN CG  CD   sing N N 94  
GLN CG  HG2  sing N N 95  
GLN CG  HG3  sing N N 96  
GLN CD  OE1  doub N N 97  
GLN CD  NE2  sing N N 98  
GLN NE2 HE21 sing N N 99  
GLN NE2 HE22 sing N N 100 
GLN OXT HXT  sing N N 101 
GLU N   CA   sing N N 102 
GLU N   H    sing N N 103 
GLU N   H2   sing N N 104 
GLU CA  C    sing N N 105 
GLU CA  CB   sing N N 106 
GLU CA  HA   sing N N 107 
GLU C   O    doub N N 108 
GLU C   OXT  sing N N 109 
GLU CB  CG   sing N N 110 
GLU CB  HB2  sing N N 111 
GLU CB  HB3  sing N N 112 
GLU CG  CD   sing N N 113 
GLU CG  HG2  sing N N 114 
GLU CG  HG3  sing N N 115 
GLU CD  OE1  doub N N 116 
GLU CD  OE2  sing N N 117 
GLU OE2 HE2  sing N N 118 
GLU OXT HXT  sing N N 119 
GLY N   CA   sing N N 120 
GLY N   H    sing N N 121 
GLY N   H2   sing N N 122 
GLY CA  C    sing N N 123 
GLY CA  HA2  sing N N 124 
GLY CA  HA3  sing N N 125 
GLY C   O    doub N N 126 
GLY C   OXT  sing N N 127 
GLY OXT HXT  sing N N 128 
HIS N   CA   sing N N 129 
HIS N   H    sing N N 130 
HIS N   H2   sing N N 131 
HIS CA  C    sing N N 132 
HIS CA  CB   sing N N 133 
HIS CA  HA   sing N N 134 
HIS C   O    doub N N 135 
HIS C   OXT  sing N N 136 
HIS CB  CG   sing N N 137 
HIS CB  HB2  sing N N 138 
HIS CB  HB3  sing N N 139 
HIS CG  ND1  sing Y N 140 
HIS CG  CD2  doub Y N 141 
HIS ND1 CE1  doub Y N 142 
HIS ND1 HD1  sing N N 143 
HIS CD2 NE2  sing Y N 144 
HIS CD2 HD2  sing N N 145 
HIS CE1 NE2  sing Y N 146 
HIS CE1 HE1  sing N N 147 
HIS NE2 HE2  sing N N 148 
HIS OXT HXT  sing N N 149 
ILE N   CA   sing N N 150 
ILE N   H    sing N N 151 
ILE N   H2   sing N N 152 
ILE CA  C    sing N N 153 
ILE CA  CB   sing N N 154 
ILE CA  HA   sing N N 155 
ILE C   O    doub N N 156 
ILE C   OXT  sing N N 157 
ILE CB  CG1  sing N N 158 
ILE CB  CG2  sing N N 159 
ILE CB  HB   sing N N 160 
ILE CG1 CD1  sing N N 161 
ILE CG1 HG12 sing N N 162 
ILE CG1 HG13 sing N N 163 
ILE CG2 HG21 sing N N 164 
ILE CG2 HG22 sing N N 165 
ILE CG2 HG23 sing N N 166 
ILE CD1 HD11 sing N N 167 
ILE CD1 HD12 sing N N 168 
ILE CD1 HD13 sing N N 169 
ILE OXT HXT  sing N N 170 
LEU N   CA   sing N N 171 
LEU N   H    sing N N 172 
LEU N   H2   sing N N 173 
LEU CA  C    sing N N 174 
LEU CA  CB   sing N N 175 
LEU CA  HA   sing N N 176 
LEU C   O    doub N N 177 
LEU C   OXT  sing N N 178 
LEU CB  CG   sing N N 179 
LEU CB  HB2  sing N N 180 
LEU CB  HB3  sing N N 181 
LEU CG  CD1  sing N N 182 
LEU CG  CD2  sing N N 183 
LEU CG  HG   sing N N 184 
LEU CD1 HD11 sing N N 185 
LEU CD1 HD12 sing N N 186 
LEU CD1 HD13 sing N N 187 
LEU CD2 HD21 sing N N 188 
LEU CD2 HD22 sing N N 189 
LEU CD2 HD23 sing N N 190 
LEU OXT HXT  sing N N 191 
LYS N   CA   sing N N 192 
LYS N   H    sing N N 193 
LYS N   H2   sing N N 194 
LYS CA  C    sing N N 195 
LYS CA  CB   sing N N 196 
LYS CA  HA   sing N N 197 
LYS C   O    doub N N 198 
LYS C   OXT  sing N N 199 
LYS CB  CG   sing N N 200 
LYS CB  HB2  sing N N 201 
LYS CB  HB3  sing N N 202 
LYS CG  CD   sing N N 203 
LYS CG  HG2  sing N N 204 
LYS CG  HG3  sing N N 205 
LYS CD  CE   sing N N 206 
LYS CD  HD2  sing N N 207 
LYS CD  HD3  sing N N 208 
LYS CE  NZ   sing N N 209 
LYS CE  HE2  sing N N 210 
LYS CE  HE3  sing N N 211 
LYS NZ  HZ1  sing N N 212 
LYS NZ  HZ2  sing N N 213 
LYS NZ  HZ3  sing N N 214 
LYS OXT HXT  sing N N 215 
MET N   CA   sing N N 216 
MET N   H    sing N N 217 
MET N   H2   sing N N 218 
MET CA  C    sing N N 219 
MET CA  CB   sing N N 220 
MET CA  HA   sing N N 221 
MET C   O    doub N N 222 
MET C   OXT  sing N N 223 
MET CB  CG   sing N N 224 
MET CB  HB2  sing N N 225 
MET CB  HB3  sing N N 226 
MET CG  SD   sing N N 227 
MET CG  HG2  sing N N 228 
MET CG  HG3  sing N N 229 
MET SD  CE   sing N N 230 
MET CE  HE1  sing N N 231 
MET CE  HE2  sing N N 232 
MET CE  HE3  sing N N 233 
MET OXT HXT  sing N N 234 
PHE N   CA   sing N N 235 
PHE N   H    sing N N 236 
PHE N   H2   sing N N 237 
PHE CA  C    sing N N 238 
PHE CA  CB   sing N N 239 
PHE CA  HA   sing N N 240 
PHE C   O    doub N N 241 
PHE C   OXT  sing N N 242 
PHE CB  CG   sing N N 243 
PHE CB  HB2  sing N N 244 
PHE CB  HB3  sing N N 245 
PHE CG  CD1  doub Y N 246 
PHE CG  CD2  sing Y N 247 
PHE CD1 CE1  sing Y N 248 
PHE CD1 HD1  sing N N 249 
PHE CD2 CE2  doub Y N 250 
PHE CD2 HD2  sing N N 251 
PHE CE1 CZ   doub Y N 252 
PHE CE1 HE1  sing N N 253 
PHE CE2 CZ   sing Y N 254 
PHE CE2 HE2  sing N N 255 
PHE CZ  HZ   sing N N 256 
PHE OXT HXT  sing N N 257 
PRO N   CA   sing N N 258 
PRO N   CD   sing N N 259 
PRO N   H    sing N N 260 
PRO CA  C    sing N N 261 
PRO CA  CB   sing N N 262 
PRO CA  HA   sing N N 263 
PRO C   O    doub N N 264 
PRO C   OXT  sing N N 265 
PRO CB  CG   sing N N 266 
PRO CB  HB2  sing N N 267 
PRO CB  HB3  sing N N 268 
PRO CG  CD   sing N N 269 
PRO CG  HG2  sing N N 270 
PRO CG  HG3  sing N N 271 
PRO CD  HD2  sing N N 272 
PRO CD  HD3  sing N N 273 
PRO OXT HXT  sing N N 274 
SER N   CA   sing N N 275 
SER N   H    sing N N 276 
SER N   H2   sing N N 277 
SER CA  C    sing N N 278 
SER CA  CB   sing N N 279 
SER CA  HA   sing N N 280 
SER C   O    doub N N 281 
SER C   OXT  sing N N 282 
SER CB  OG   sing N N 283 
SER CB  HB2  sing N N 284 
SER CB  HB3  sing N N 285 
SER OG  HG   sing N N 286 
SER OXT HXT  sing N N 287 
THR N   CA   sing N N 288 
THR N   H    sing N N 289 
THR N   H2   sing N N 290 
THR CA  C    sing N N 291 
THR CA  CB   sing N N 292 
THR CA  HA   sing N N 293 
THR C   O    doub N N 294 
THR C   OXT  sing N N 295 
THR CB  OG1  sing N N 296 
THR CB  CG2  sing N N 297 
THR CB  HB   sing N N 298 
THR OG1 HG1  sing N N 299 
THR CG2 HG21 sing N N 300 
THR CG2 HG22 sing N N 301 
THR CG2 HG23 sing N N 302 
THR OXT HXT  sing N N 303 
TRP N   CA   sing N N 304 
TRP N   H    sing N N 305 
TRP N   H2   sing N N 306 
TRP CA  C    sing N N 307 
TRP CA  CB   sing N N 308 
TRP CA  HA   sing N N 309 
TRP C   O    doub N N 310 
TRP C   OXT  sing N N 311 
TRP CB  CG   sing N N 312 
TRP CB  HB2  sing N N 313 
TRP CB  HB3  sing N N 314 
TRP CG  CD1  doub Y N 315 
TRP CG  CD2  sing Y N 316 
TRP CD1 NE1  sing Y N 317 
TRP CD1 HD1  sing N N 318 
TRP CD2 CE2  doub Y N 319 
TRP CD2 CE3  sing Y N 320 
TRP NE1 CE2  sing Y N 321 
TRP NE1 HE1  sing N N 322 
TRP CE2 CZ2  sing Y N 323 
TRP CE3 CZ3  doub Y N 324 
TRP CE3 HE3  sing N N 325 
TRP CZ2 CH2  doub Y N 326 
TRP CZ2 HZ2  sing N N 327 
TRP CZ3 CH2  sing Y N 328 
TRP CZ3 HZ3  sing N N 329 
TRP CH2 HH2  sing N N 330 
TRP OXT HXT  sing N N 331 
TYR N   CA   sing N N 332 
TYR N   H    sing N N 333 
TYR N   H2   sing N N 334 
TYR CA  C    sing N N 335 
TYR CA  CB   sing N N 336 
TYR CA  HA   sing N N 337 
TYR C   O    doub N N 338 
TYR C   OXT  sing N N 339 
TYR CB  CG   sing N N 340 
TYR CB  HB2  sing N N 341 
TYR CB  HB3  sing N N 342 
TYR CG  CD1  doub Y N 343 
TYR CG  CD2  sing Y N 344 
TYR CD1 CE1  sing Y N 345 
TYR CD1 HD1  sing N N 346 
TYR CD2 CE2  doub Y N 347 
TYR CD2 HD2  sing N N 348 
TYR CE1 CZ   doub Y N 349 
TYR CE1 HE1  sing N N 350 
TYR CE2 CZ   sing Y N 351 
TYR CE2 HE2  sing N N 352 
TYR CZ  OH   sing N N 353 
TYR OH  HH   sing N N 354 
TYR OXT HXT  sing N N 355 
VAL N   CA   sing N N 356 
VAL N   H    sing N N 357 
VAL N   H2   sing N N 358 
VAL CA  C    sing N N 359 
VAL CA  CB   sing N N 360 
VAL CA  HA   sing N N 361 
VAL C   O    doub N N 362 
VAL C   OXT  sing N N 363 
VAL CB  CG1  sing N N 364 
VAL CB  CG2  sing N N 365 
VAL CB  HB   sing N N 366 
VAL CG1 HG11 sing N N 367 
VAL CG1 HG12 sing N N 368 
VAL CG1 HG13 sing N N 369 
VAL CG2 HG21 sing N N 370 
VAL CG2 HG22 sing N N 371 
VAL CG2 HG23 sing N N 372 
VAL OXT HXT  sing N N 373 
# 
_atom_sites.entry_id                    3HZQ 
_atom_sites.fract_transf_matrix[1][1]   0.00068002 
_atom_sites.fract_transf_matrix[1][2]   0.00677522 
_atom_sites.fract_transf_matrix[1][3]   0.00238842 
_atom_sites.fract_transf_matrix[2][1]   0.00632580 
_atom_sites.fract_transf_matrix[2][2]   -0.00170178 
_atom_sites.fract_transf_matrix[2][3]   0.00302637 
_atom_sites.fract_transf_matrix[3][1]   0.00340478 
_atom_sites.fract_transf_matrix[3][2]   0.00180857 
_atom_sites.fract_transf_matrix[3][3]   -0.00609977 
_atom_sites.fract_transf_vector[1]      0.358536 
_atom_sites.fract_transf_vector[2]      0.064450 
_atom_sites.fract_transf_vector[3]      0.034855 
# 
loop_
_atom_type.symbol 
C 
N 
O 
S 
# 
loop_
_atom_site.group_PDB 
_atom_site.id 
_atom_site.type_symbol 
_atom_site.label_atom_id 
_atom_site.label_alt_id 
_atom_site.label_comp_id 
_atom_site.label_asym_id 
_atom_site.label_entity_id 
_atom_site.label_seq_id 
_atom_site.pdbx_PDB_ins_code 
_atom_site.Cartn_x 
_atom_site.Cartn_y 
_atom_site.Cartn_z 
_atom_site.occupancy 
_atom_site.B_iso_or_equiv 
_atom_site.pdbx_formal_charge 
_atom_site.auth_seq_id 
_atom_site.auth_comp_id 
_atom_site.auth_asym_id 
_atom_site.auth_atom_id 
_atom_site.pdbx_PDB_model_num 
ATOM 1   N N   . MET A 1 21  ? -34.218 -18.139 15.880  1.00 327.48 ? 1  MET A N   1 
ATOM 2   C CA  . MET A 1 21  ? -32.801 -18.127 16.360  1.00 328.16 ? 1  MET A CA  1 
ATOM 3   C C   . MET A 1 21  ? -31.852 -18.942 15.477  1.00 331.88 ? 1  MET A C   1 
ATOM 4   O O   . MET A 1 21  ? -30.630 -18.761 15.543  1.00 333.68 ? 1  MET A O   1 
ATOM 5   C CB  . MET A 1 21  ? -32.723 -18.673 17.794  1.00 322.37 ? 1  MET A CB  1 
ATOM 6   C CG  . MET A 1 21  ? -31.297 -18.821 18.328  1.00 316.18 ? 1  MET A CG  1 
ATOM 7   S SD  . MET A 1 21  ? -31.167 -19.887 19.779  1.00 309.67 ? 1  MET A SD  1 
ATOM 8   C CE  . MET A 1 21  ? -31.042 -21.493 19.020  1.00 305.08 ? 1  MET A CE  1 
ATOM 9   N N   . LEU A 1 22  ? -32.415 -19.829 14.652  1.00 335.62 ? 2  LEU A N   1 
ATOM 10  C CA  . LEU A 1 22  ? -31.605 -20.694 13.794  1.00 336.85 ? 2  LEU A CA  1 
ATOM 11  C C   . LEU A 1 22  ? -31.652 -20.557 12.245  1.00 336.66 ? 2  LEU A C   1 
ATOM 12  O O   . LEU A 1 22  ? -30.930 -19.727 11.686  1.00 337.36 ? 2  LEU A O   1 
ATOM 13  C CB  . LEU A 1 22  ? -31.829 -22.171 14.209  1.00 336.74 ? 2  LEU A CB  1 
ATOM 14  C CG  . LEU A 1 22  ? -31.537 -22.582 15.673  1.00 334.90 ? 2  LEU A CG  1 
ATOM 15  C CD1 . LEU A 1 22  ? -31.925 -24.037 15.886  1.00 331.58 ? 2  LEU A CD1 1 
ATOM 16  C CD2 . LEU A 1 22  ? -30.063 -22.384 16.017  1.00 334.10 ? 2  LEU A CD2 1 
ATOM 17  N N   . LYS A 1 23  ? -32.487 -21.342 11.555  1.00 335.33 ? 3  LYS A N   1 
ATOM 18  C CA  . LYS A 1 23  ? -32.494 -21.345 10.081  1.00 331.98 ? 3  LYS A CA  1 
ATOM 19  C C   . LYS A 1 23  ? -33.685 -20.865 9.271   1.00 330.11 ? 3  LYS A C   1 
ATOM 20  O O   . LYS A 1 23  ? -34.600 -21.634 9.013   1.00 328.32 ? 3  LYS A O   1 
ATOM 21  C CB  . LYS A 1 23  ? -32.180 -22.754 9.570   1.00 331.65 ? 3  LYS A CB  1 
ATOM 22  C CG  . LYS A 1 23  ? -30.784 -23.282 9.905   1.00 332.18 ? 3  LYS A CG  1 
ATOM 23  C CD  . LYS A 1 23  ? -30.538 -24.682 9.339   1.00 331.12 ? 3  LYS A CD  1 
ATOM 24  C CE  . LYS A 1 23  ? -29.165 -25.228 9.720   1.00 331.47 ? 3  LYS A CE  1 
ATOM 25  N NZ  . LYS A 1 23  ? -28.993 -26.595 9.151   1.00 330.82 ? 3  LYS A NZ  1 
ATOM 26  N N   . GLU A 1 24  ? -33.646 -19.606 8.851   1.00 328.91 ? 4  GLU A N   1 
ATOM 27  C CA  . GLU A 1 24  ? -34.675 -19.001 8.006   1.00 329.22 ? 4  GLU A CA  1 
ATOM 28  C C   . GLU A 1 24  ? -33.910 -18.391 6.828   1.00 329.11 ? 4  GLU A C   1 
ATOM 29  O O   . GLU A 1 24  ? -33.078 -19.080 6.233   1.00 329.39 ? 4  GLU A O   1 
ATOM 30  C CB  . GLU A 1 24  ? -35.456 -17.939 8.787   1.00 330.12 ? 4  GLU A CB  1 
ATOM 31  C CG  . GLU A 1 24  ? -36.519 -18.541 9.697   1.00 332.33 ? 4  GLU A CG  1 
ATOM 32  C CD  . GLU A 1 24  ? -37.017 -17.581 10.763  1.00 333.91 ? 4  GLU A CD  1 
ATOM 33  O OE1 . GLU A 1 24  ? -36.263 -17.305 11.720  1.00 335.54 ? 4  GLU A OE1 1 
ATOM 34  O OE2 . GLU A 1 24  ? -38.165 -17.102 10.644  1.00 335.02 ? 4  GLU A OE2 1 
ATOM 35  N N   . PHE A 1 25  ? -34.163 -17.131 6.476   1.00 329.27 ? 5  PHE A N   1 
ATOM 36  C CA  . PHE A 1 25  ? -33.410 -16.534 5.366   1.00 329.18 ? 5  PHE A CA  1 
ATOM 37  C C   . PHE A 1 25  ? -32.586 -15.327 5.793   1.00 330.39 ? 5  PHE A C   1 
ATOM 38  O O   . PHE A 1 25  ? -31.522 -15.072 5.225   1.00 331.08 ? 5  PHE A O   1 
ATOM 39  C CB  . PHE A 1 25  ? -34.318 -16.120 4.198   1.00 326.16 ? 5  PHE A CB  1 
ATOM 40  C CG  . PHE A 1 25  ? -33.555 -15.630 2.979   1.00 320.82 ? 5  PHE A CG  1 
ATOM 41  C CD1 . PHE A 1 25  ? -32.634 -16.461 2.340   1.00 318.88 ? 5  PHE A CD1 1 
ATOM 42  C CD2 . PHE A 1 25  ? -33.743 -14.341 2.483   1.00 317.22 ? 5  PHE A CD2 1 
ATOM 43  C CE1 . PHE A 1 25  ? -31.914 -16.019 1.227   1.00 314.85 ? 5  PHE A CE1 1 
ATOM 44  C CE2 . PHE A 1 25  ? -33.024 -13.894 1.369   1.00 314.42 ? 5  PHE A CE2 1 
ATOM 45  C CZ  . PHE A 1 25  ? -32.110 -14.735 0.744   1.00 313.46 ? 5  PHE A CZ  1 
ATOM 46  N N   . LYS A 1 26  ? -33.076 -14.584 6.784   1.00 329.89 ? 6  LYS A N   1 
ATOM 47  C CA  . LYS A 1 26  ? -32.359 -13.410 7.270   1.00 327.31 ? 6  LYS A CA  1 
ATOM 48  C C   . LYS A 1 26  ? -31.098 -13.765 8.069   1.00 331.92 ? 6  LYS A C   1 
ATOM 49  O O   . LYS A 1 26  ? -30.108 -13.033 8.022   1.00 332.85 ? 6  LYS A O   1 
ATOM 50  C CB  . LYS A 1 26  ? -33.268 -12.533 8.137   1.00 317.29 ? 6  LYS A CB  1 
ATOM 51  C CG  . LYS A 1 26  ? -32.536 -11.307 8.633   1.00 304.50 ? 6  LYS A CG  1 
ATOM 52  C CD  . LYS A 1 26  ? -33.392 -10.397 9.467   1.00 294.82 ? 6  LYS A CD  1 
ATOM 53  C CE  . LYS A 1 26  ? -32.581 -9.176  9.856   1.00 287.86 ? 6  LYS A CE  1 
ATOM 54  N NZ  . LYS A 1 26  ? -33.344 -8.233  10.698  1.00 284.50 ? 6  LYS A NZ  1 
ATOM 55  N N   . GLU A 1 27  ? -31.138 -14.882 8.798   1.00 337.16 ? 7  GLU A N   1 
ATOM 56  C CA  . GLU A 1 27  ? -30.008 -15.345 9.618   1.00 340.43 ? 7  GLU A CA  1 
ATOM 57  C C   . GLU A 1 27  ? -29.669 -16.819 9.296   1.00 341.76 ? 7  GLU A C   1 
ATOM 58  O O   . GLU A 1 27  ? -30.367 -17.730 9.748   1.00 342.51 ? 7  GLU A O   1 
ATOM 59  C CB  . GLU A 1 27  ? -30.372 -15.203 11.104  1.00 340.95 ? 7  GLU A CB  1 
ATOM 60  C CG  . GLU A 1 27  ? -29.217 -15.357 12.084  1.00 340.69 ? 7  GLU A CG  1 
ATOM 61  C CD  . GLU A 1 27  ? -28.371 -14.105 12.193  1.00 340.69 ? 7  GLU A CD  1 
ATOM 62  O OE1 . GLU A 1 27  ? -28.944 -13.020 12.432  1.00 340.14 ? 7  GLU A OE1 1 
ATOM 63  O OE2 . GLU A 1 27  ? -27.134 -14.207 12.046  1.00 339.97 ? 7  GLU A OE2 1 
ATOM 64  N N   . PHE A 1 28  ? -28.598 -17.047 8.527   1.00 342.72 ? 8  PHE A N   1 
ATOM 65  C CA  . PHE A 1 28  ? -28.181 -18.402 8.117   1.00 341.32 ? 8  PHE A CA  1 
ATOM 66  C C   . PHE A 1 28  ? -27.761 -19.374 9.245   1.00 341.57 ? 8  PHE A C   1 
ATOM 67  O O   . PHE A 1 28  ? -28.041 -20.574 9.169   1.00 340.53 ? 8  PHE A O   1 
ATOM 68  C CB  . PHE A 1 28  ? -27.050 -18.321 7.069   1.00 338.65 ? 8  PHE A CB  1 
ATOM 69  C CG  . PHE A 1 28  ? -27.454 -17.674 5.755   1.00 334.26 ? 8  PHE A CG  1 
ATOM 70  C CD1 . PHE A 1 28  ? -27.351 -16.297 5.576   1.00 331.46 ? 8  PHE A CD1 1 
ATOM 71  C CD2 . PHE A 1 28  ? -27.925 -18.452 4.695   1.00 331.77 ? 8  PHE A CD2 1 
ATOM 72  C CE1 . PHE A 1 28  ? -27.701 -15.705 4.362   1.00 328.20 ? 8  PHE A CE1 1 
ATOM 73  C CE2 . PHE A 1 28  ? -28.279 -17.869 3.480   1.00 328.28 ? 8  PHE A CE2 1 
ATOM 74  C CZ  . PHE A 1 28  ? -28.168 -16.494 3.316   1.00 327.92 ? 8  PHE A CZ  1 
ATOM 75  N N   . ALA A 1 29  ? -27.084 -18.863 10.274  1.00 342.30 ? 9  ALA A N   1 
ATOM 76  C CA  . ALA A 1 29  ? -26.641 -19.679 11.414  1.00 342.81 ? 9  ALA A CA  1 
ATOM 77  C C   . ALA A 1 29  ? -25.723 -18.851 12.317  1.00 343.99 ? 9  ALA A C   1 
ATOM 78  O O   . ALA A 1 29  ? -26.149 -18.329 13.349  1.00 345.43 ? 9  ALA A O   1 
ATOM 79  C CB  . ALA A 1 29  ? -25.904 -20.925 10.926  1.00 340.09 ? 9  ALA A CB  1 
ATOM 80  N N   . LEU A 1 30  ? -24.456 -18.776 11.913  1.00 344.49 ? 10 LEU A N   1 
ATOM 81  C CA  . LEU A 1 30  ? -23.409 -18.000 12.584  1.00 342.91 ? 10 LEU A CA  1 
ATOM 82  C C   . LEU A 1 30  ? -22.724 -17.325 11.392  1.00 342.25 ? 10 LEU A C   1 
ATOM 83  O O   . LEU A 1 30  ? -22.827 -17.821 10.270  1.00 346.37 ? 10 LEU A O   1 
ATOM 84  C CB  . LEU A 1 30  ? -22.418 -18.922 13.310  1.00 340.53 ? 10 LEU A CB  1 
ATOM 85  C CG  . LEU A 1 30  ? -23.002 -20.076 14.137  1.00 338.58 ? 10 LEU A CG  1 
ATOM 86  C CD1 . LEU A 1 30  ? -21.887 -21.012 14.551  1.00 336.34 ? 10 LEU A CD1 1 
ATOM 87  C CD2 . LEU A 1 30  ? -23.740 -19.550 15.355  1.00 336.81 ? 10 LEU A CD2 1 
ATOM 88  N N   . LYS A 1 31  ? -22.034 -16.210 11.595  1.00 338.58 ? 11 LYS A N   1 
ATOM 89  C CA  . LYS A 1 31  ? -21.413 -15.563 10.446  1.00 334.28 ? 11 LYS A CA  1 
ATOM 90  C C   . LYS A 1 31  ? -20.258 -16.402 9.874   1.00 331.44 ? 11 LYS A C   1 
ATOM 91  O O   . LYS A 1 31  ? -19.086 -16.167 10.170  1.00 330.49 ? 11 LYS A O   1 
ATOM 92  C CB  . LYS A 1 31  ? -20.981 -14.144 10.822  1.00 333.50 ? 11 LYS A CB  1 
ATOM 93  C CG  . LYS A 1 31  ? -22.134 -13.326 11.413  1.00 331.85 ? 11 LYS A CG  1 
ATOM 94  C CD  . LYS A 1 31  ? -22.081 -11.858 11.028  1.00 331.53 ? 11 LYS A CD  1 
ATOM 95  C CE  . LYS A 1 31  ? -23.282 -11.120 11.598  1.00 330.37 ? 11 LYS A CE  1 
ATOM 96  N NZ  . LYS A 1 31  ? -23.302 -9.676  11.241  1.00 329.26 ? 11 LYS A NZ  1 
ATOM 97  N N   . GLY A 1 32  ? -20.643 -17.375 9.040   1.00 328.26 ? 12 GLY A N   1 
ATOM 98  C CA  . GLY A 1 32  ? -19.743 -18.329 8.396   1.00 321.45 ? 12 GLY A CA  1 
ATOM 99  C C   . GLY A 1 32  ? -18.426 -17.897 7.788   1.00 316.88 ? 12 GLY A C   1 
ATOM 100 O O   . GLY A 1 32  ? -17.804 -16.945 8.259   1.00 318.21 ? 12 GLY A O   1 
ATOM 101 N N   . ASN A 1 33  ? -17.980 -18.600 6.747   1.00 310.93 ? 13 ASN A N   1 
ATOM 102 C CA  . ASN A 1 33  ? -16.709 -18.235 6.142   1.00 305.41 ? 13 ASN A CA  1 
ATOM 103 C C   . ASN A 1 33  ? -16.796 -16.940 5.373   1.00 300.58 ? 13 ASN A C   1 
ATOM 104 O O   . ASN A 1 33  ? -16.391 -16.835 4.214   1.00 298.26 ? 13 ASN A O   1 
ATOM 105 C CB  . ASN A 1 33  ? -16.143 -19.326 5.243   1.00 307.20 ? 13 ASN A CB  1 
ATOM 106 C CG  . ASN A 1 33  ? -14.628 -19.376 5.313   1.00 308.24 ? 13 ASN A CG  1 
ATOM 107 O OD1 . ASN A 1 33  ? -13.961 -19.824 4.383   1.00 309.61 ? 13 ASN A OD1 1 
ATOM 108 N ND2 . ASN A 1 33  ? -14.076 -18.918 6.438   1.00 308.29 ? 13 ASN A ND2 1 
ATOM 109 N N   . VAL A 1 34  ? -17.377 -15.968 6.056   1.00 295.15 ? 14 VAL A N   1 
ATOM 110 C CA  . VAL A 1 34  ? -17.509 -14.609 5.588   1.00 289.41 ? 14 VAL A CA  1 
ATOM 111 C C   . VAL A 1 34  ? -16.396 -14.072 6.483   1.00 288.99 ? 14 VAL A C   1 
ATOM 112 O O   . VAL A 1 34  ? -15.892 -12.963 6.313   1.00 289.57 ? 14 VAL A O   1 
ATOM 113 C CB  . VAL A 1 34  ? -18.875 -14.016 6.004   1.00 285.84 ? 14 VAL A CB  1 
ATOM 114 C CG1 . VAL A 1 34  ? -18.977 -12.567 5.567   1.00 284.76 ? 14 VAL A CG1 1 
ATOM 115 C CG2 . VAL A 1 34  ? -20.000 -14.836 5.396   1.00 282.09 ? 14 VAL A CG2 1 
ATOM 116 N N   . LEU A 1 35  ? -16.018 -14.933 7.431   1.00 287.10 ? 15 LEU A N   1 
ATOM 117 C CA  . LEU A 1 35  ? -14.976 -14.674 8.417   1.00 285.47 ? 15 LEU A CA  1 
ATOM 118 C C   . LEU A 1 35  ? -13.660 -14.280 7.767   1.00 286.91 ? 15 LEU A C   1 
ATOM 119 O O   . LEU A 1 35  ? -13.077 -13.253 8.109   1.00 289.47 ? 15 LEU A O   1 
ATOM 120 C CB  . LEU A 1 35  ? -14.756 -15.920 9.278   1.00 281.68 ? 15 LEU A CB  1 
ATOM 121 C CG  . LEU A 1 35  ? -13.644 -15.842 10.324  1.00 280.06 ? 15 LEU A CG  1 
ATOM 122 C CD1 . LEU A 1 35  ? -14.026 -14.847 11.414  1.00 278.26 ? 15 LEU A CD1 1 
ATOM 123 C CD2 . LEU A 1 35  ? -13.409 -17.224 10.915  1.00 279.90 ? 15 LEU A CD2 1 
ATOM 124 N N   . ASP A 1 36  ? -13.186 -15.105 6.839   1.00 288.05 ? 16 ASP A N   1 
ATOM 125 C CA  . ASP A 1 36  ? -11.931 -14.820 6.150   1.00 287.88 ? 16 ASP A CA  1 
ATOM 126 C C   . ASP A 1 36  ? -12.104 -13.584 5.259   1.00 285.99 ? 16 ASP A C   1 
ATOM 127 O O   . ASP A 1 36  ? -11.204 -12.748 5.173   1.00 286.98 ? 16 ASP A O   1 
ATOM 128 C CB  . ASP A 1 36  ? -11.488 -16.042 5.318   1.00 289.03 ? 16 ASP A CB  1 
ATOM 129 C CG  . ASP A 1 36  ? -10.038 -15.944 4.831   1.00 288.93 ? 16 ASP A CG  1 
ATOM 130 O OD1 . ASP A 1 36  ? -9.758  -15.120 3.933   1.00 288.60 ? 16 ASP A OD1 1 
ATOM 131 O OD2 . ASP A 1 36  ? -9.177  -16.698 5.346   1.00 286.97 ? 16 ASP A OD2 1 
ATOM 132 N N   . LEU A 1 37  ? -13.264 -13.457 4.613   1.00 281.26 ? 17 LEU A N   1 
ATOM 133 C CA  . LEU A 1 37  ? -13.531 -12.309 3.744   1.00 274.41 ? 17 LEU A CA  1 
ATOM 134 C C   . LEU A 1 37  ? -13.375 -11.031 4.557   1.00 268.98 ? 17 LEU A C   1 
ATOM 135 O O   . LEU A 1 37  ? -12.614 -10.137 4.192   1.00 270.20 ? 17 LEU A O   1 
ATOM 136 C CB  . LEU A 1 37  ? -14.949 -12.383 3.155   1.00 274.25 ? 17 LEU A CB  1 
ATOM 137 C CG  . LEU A 1 37  ? -15.346 -11.344 2.093   1.00 272.86 ? 17 LEU A CG  1 
ATOM 138 C CD1 . LEU A 1 37  ? -14.512 -11.541 0.831   1.00 270.02 ? 17 LEU A CD1 1 
ATOM 139 C CD2 . LEU A 1 37  ? -16.826 -11.478 1.766   1.00 270.38 ? 17 LEU A CD2 1 
ATOM 140 N N   . ALA A 1 38  ? -14.097 -10.945 5.666   1.00 260.39 ? 18 ALA A N   1 
ATOM 141 C CA  . ALA A 1 38  ? -14.000 -9.770  6.510   1.00 255.61 ? 18 ALA A CA  1 
ATOM 142 C C   . ALA A 1 38  ? -12.540 -9.563  6.900   1.00 253.42 ? 18 ALA A C   1 
ATOM 143 O O   . ALA A 1 38  ? -12.018 -8.452  6.807   1.00 256.82 ? 18 ALA A O   1 
ATOM 144 C CB  . ALA A 1 38  ? -14.856 -9.946  7.746   1.00 254.64 ? 18 ALA A CB  1 
ATOM 145 N N   . ILE A 1 39  ? -11.875 -10.634 7.325   1.00 248.03 ? 19 ILE A N   1 
ATOM 146 C CA  . ILE A 1 39  ? -10.473 -10.544 7.725   1.00 242.55 ? 19 ILE A CA  1 
ATOM 147 C C   . ILE A 1 39  ? -9.639  -10.013 6.573   1.00 240.57 ? 19 ILE A C   1 
ATOM 148 O O   . ILE A 1 39  ? -8.650  -9.301  6.777   1.00 239.41 ? 19 ILE A O   1 
ATOM 149 C CB  . ILE A 1 39  ? -9.908  -11.918 8.160   1.00 241.81 ? 19 ILE A CB  1 
ATOM 150 C CG1 . ILE A 1 39  ? -10.537 -12.346 9.492   1.00 241.73 ? 19 ILE A CG1 1 
ATOM 151 C CG2 . ILE A 1 39  ? -8.390  -11.841 8.282   1.00 240.40 ? 19 ILE A CG2 1 
ATOM 152 C CD1 . ILE A 1 39  ? -10.020 -13.668 10.042  1.00 241.12 ? 19 ILE A CD1 1 
ATOM 153 N N   . ALA A 1 40  ? -10.045 -10.364 5.358   1.00 237.57 ? 20 ALA A N   1 
ATOM 154 C CA  . ALA A 1 40  ? -9.340  -9.922  4.165   1.00 236.73 ? 20 ALA A CA  1 
ATOM 155 C C   . ALA A 1 40  ? -9.381  -8.403  4.107   1.00 235.66 ? 20 ALA A C   1 
ATOM 156 O O   . ALA A 1 40  ? -8.345  -7.736  4.134   1.00 237.68 ? 20 ALA A O   1 
ATOM 157 C CB  . ALA A 1 40  ? -9.988  -10.519 2.910   1.00 233.57 ? 20 ALA A CB  1 
ATOM 158 N N   . VAL A 1 41  ? -10.585 -7.855  4.052   1.00 232.33 ? 21 VAL A N   1 
ATOM 159 C CA  . VAL A 1 41  ? -10.729 -6.419  3.975   1.00 229.54 ? 21 VAL A CA  1 
ATOM 160 C C   . VAL A 1 41  ? -10.138 -5.734  5.218   1.00 225.97 ? 21 VAL A C   1 
ATOM 161 O O   . VAL A 1 41  ? -9.427  -4.742  5.089   1.00 227.95 ? 21 VAL A O   1 
ATOM 162 C CB  . VAL A 1 41  ? -12.229 -6.033  3.753   1.00 229.89 ? 21 VAL A CB  1 
ATOM 163 C CG1 . VAL A 1 41  ? -12.999 -6.107  5.056   1.00 229.70 ? 21 VAL A CG1 1 
ATOM 164 C CG2 . VAL A 1 41  ? -12.332 -4.655  3.102   1.00 232.40 ? 21 VAL A CG2 1 
ATOM 165 N N   . VAL A 1 42  ? -10.378 -6.280  6.409   1.00 221.37 ? 22 VAL A N   1 
ATOM 166 C CA  . VAL A 1 42  ? -9.867  -5.666  7.637   1.00 218.24 ? 22 VAL A CA  1 
ATOM 167 C C   . VAL A 1 42  ? -8.360  -5.713  7.841   1.00 219.05 ? 22 VAL A C   1 
ATOM 168 O O   . VAL A 1 42  ? -7.779  -4.752  8.350   1.00 218.20 ? 22 VAL A O   1 
ATOM 169 C CB  . VAL A 1 42  ? -10.504 -6.278  8.897   1.00 216.03 ? 22 VAL A CB  1 
ATOM 170 C CG1 . VAL A 1 42  ? -9.950  -5.601  10.137  1.00 218.01 ? 22 VAL A CG1 1 
ATOM 171 C CG2 . VAL A 1 42  ? -11.995 -6.104  8.857   1.00 217.18 ? 22 VAL A CG2 1 
ATOM 172 N N   . MET A 1 43  ? -7.725  -6.821  7.469   1.00 220.42 ? 23 MET A N   1 
ATOM 173 C CA  . MET A 1 43  ? -6.280  -6.943  7.646   1.00 223.31 ? 23 MET A CA  1 
ATOM 174 C C   . MET A 1 43  ? -5.467  -6.557  6.417   1.00 220.38 ? 23 MET A C   1 
ATOM 175 O O   . MET A 1 43  ? -4.281  -6.223  6.524   1.00 215.41 ? 23 MET A O   1 
ATOM 176 C CB  . MET A 1 43  ? -5.916  -8.356  8.097   1.00 228.03 ? 23 MET A CB  1 
ATOM 177 C CG  . MET A 1 43  ? -6.340  -8.647  9.533   1.00 240.79 ? 23 MET A CG  1 
ATOM 178 S SD  . MET A 1 43  ? -6.001  -7.285  10.720  1.00 253.18 ? 23 MET A SD  1 
ATOM 179 C CE  . MET A 1 43  ? -4.246  -7.578  11.140  1.00 250.06 ? 23 MET A CE  1 
ATOM 180 N N   . GLY A 1 44  ? -6.102  -6.599  5.253   1.00 218.90 ? 24 GLY A N   1 
ATOM 181 C CA  . GLY A 1 44  ? -5.409  -6.218  4.038   1.00 215.41 ? 24 GLY A CA  1 
ATOM 182 C C   . GLY A 1 44  ? -5.218  -4.720  4.096   1.00 211.94 ? 24 GLY A C   1 
ATOM 183 O O   . GLY A 1 44  ? -4.148  -4.201  3.785   1.00 211.47 ? 24 GLY A O   1 
ATOM 184 N N   . ALA A 1 45  ? -6.273  -4.028  4.508   1.00 207.56 ? 25 ALA A N   1 
ATOM 185 C CA  . ALA A 1 45  ? -6.240  -2.583  4.627   1.00 205.74 ? 25 ALA A CA  1 
ATOM 186 C C   . ALA A 1 45  ? -5.185  -2.210  5.640   1.00 204.85 ? 25 ALA A C   1 
ATOM 187 O O   . ALA A 1 45  ? -4.362  -1.326  5.410   1.00 203.97 ? 25 ALA A O   1 
ATOM 188 C CB  . ALA A 1 45  ? -7.581  -2.080  5.086   1.00 209.63 ? 25 ALA A CB  1 
ATOM 189 N N   . ALA A 1 46  ? -5.229  -2.897  6.774   1.00 206.97 ? 26 ALA A N   1 
ATOM 190 C CA  . ALA A 1 46  ? -4.287  -2.666  7.861   1.00 210.64 ? 26 ALA A CA  1 
ATOM 191 C C   . ALA A 1 46  ? -2.868  -2.841  7.353   1.00 208.32 ? 26 ALA A C   1 
ATOM 192 O O   . ALA A 1 46  ? -1.967  -2.065  7.691   1.00 201.63 ? 26 ALA A O   1 
ATOM 193 C CB  . ALA A 1 46  ? -4.562  -3.641  8.991   1.00 215.28 ? 26 ALA A CB  1 
ATOM 194 N N   . PHE A 1 47  ? -2.685  -3.881  6.546   1.00 209.08 ? 27 PHE A N   1 
ATOM 195 C CA  . PHE A 1 47  ? -1.392  -4.178  5.950   1.00 211.21 ? 27 PHE A CA  1 
ATOM 196 C C   . PHE A 1 47  ? -1.020  -2.976  5.075   1.00 207.10 ? 27 PHE A C   1 
ATOM 197 O O   . PHE A 1 47  ? 0.049   -2.371  5.225   1.00 200.83 ? 27 PHE A O   1 
ATOM 198 C CB  . PHE A 1 47  ? -1.493  -5.451  5.095   1.00 216.00 ? 27 PHE A CB  1 
ATOM 199 C CG  . PHE A 1 47  ? -0.186  -5.880  4.482   1.00 220.26 ? 27 PHE A CG  1 
ATOM 200 C CD1 . PHE A 1 47  ? 0.880   -6.269  5.283   1.00 222.62 ? 27 PHE A CD1 1 
ATOM 201 C CD2 . PHE A 1 47  ? -0.011  -5.872  3.105   1.00 221.61 ? 27 PHE A CD2 1 
ATOM 202 C CE1 . PHE A 1 47  ? 2.105   -6.637  4.723   1.00 222.80 ? 27 PHE A CE1 1 
ATOM 203 C CE2 . PHE A 1 47  ? 1.212   -6.239  2.534   1.00 223.09 ? 27 PHE A CE2 1 
ATOM 204 C CZ  . PHE A 1 47  ? 2.269   -6.622  3.347   1.00 221.76 ? 27 PHE A CZ  1 
ATOM 205 N N   . ASN A 1 48  ? -1.932  -2.627  4.174   1.00 201.31 ? 28 ASN A N   1 
ATOM 206 C CA  . ASN A 1 48  ? -1.728  -1.510  3.269   1.00 191.08 ? 28 ASN A CA  1 
ATOM 207 C C   . ASN A 1 48  ? -1.027  -0.358  3.983   1.00 187.70 ? 28 ASN A C   1 
ATOM 208 O O   . ASN A 1 48  ? -0.026  0.160   3.489   1.00 182.05 ? 28 ASN A O   1 
ATOM 209 C CB  . ASN A 1 48  ? -3.073  -1.053  2.694   1.00 184.69 ? 28 ASN A CB  1 
ATOM 210 C CG  . ASN A 1 48  ? -2.918  -0.005  1.613   1.00 183.65 ? 28 ASN A CG  1 
ATOM 211 O OD1 . ASN A 1 48  ? -2.009  -0.084  0.791   1.00 180.68 ? 28 ASN A OD1 1 
ATOM 212 N ND2 . ASN A 1 48  ? -3.817  0.976   1.598   1.00 184.59 ? 28 ASN A ND2 1 
ATOM 213 N N   . LYS A 1 49  ? -1.526  0.027   5.156   1.00 183.41 ? 29 LYS A N   1 
ATOM 214 C CA  . LYS A 1 49  ? -0.908  1.132   5.865   1.00 182.52 ? 29 LYS A CA  1 
ATOM 215 C C   . LYS A 1 49  ? 0.519   0.857   6.236   1.00 180.22 ? 29 LYS A C   1 
ATOM 216 O O   . LYS A 1 49  ? 1.391   1.655   5.921   1.00 181.07 ? 29 LYS A O   1 
ATOM 217 C CB  . LYS A 1 49  ? -1.681  1.524   7.130   1.00 185.47 ? 29 LYS A CB  1 
ATOM 218 C CG  . LYS A 1 49  ? -0.924  2.537   8.049   1.00 187.96 ? 29 LYS A CG  1 
ATOM 219 C CD  . LYS A 1 49  ? -0.393  3.793   7.308   1.00 187.23 ? 29 LYS A CD  1 
ATOM 220 C CE  . LYS A 1 49  ? 0.394   4.755   8.230   1.00 182.01 ? 29 LYS A CE  1 
ATOM 221 N NZ  . LYS A 1 49  ? 1.031   5.912   7.509   1.00 168.70 ? 29 LYS A NZ  1 
ATOM 222 N N   . ILE A 1 50  ? 0.791   -0.252  6.907   1.00 181.73 ? 30 ILE A N   1 
ATOM 223 C CA  . ILE A 1 50  ? 2.175   -0.471  7.275   1.00 183.85 ? 30 ILE A CA  1 
ATOM 224 C C   . ILE A 1 50  ? 3.022   -0.292  6.013   1.00 187.88 ? 30 ILE A C   1 
ATOM 225 O O   . ILE A 1 50  ? 3.960   0.512   6.012   1.00 189.77 ? 30 ILE A O   1 
ATOM 226 C CB  . ILE A 1 50  ? 2.410   -1.857  7.935   1.00 180.18 ? 30 ILE A CB  1 
ATOM 227 C CG1 . ILE A 1 50  ? 1.956   -2.961  7.001   1.00 182.53 ? 30 ILE A CG1 1 
ATOM 228 C CG2 . ILE A 1 50  ? 1.654   -1.957  9.263   1.00 167.58 ? 30 ILE A CG2 1 
ATOM 229 C CD1 . ILE A 1 50  ? 1.884   -4.292  7.679   1.00 190.78 ? 30 ILE A CD1 1 
ATOM 230 N N   . ILE A 1 51  ? 2.671   -0.982  4.929   1.00 187.15 ? 31 ILE A N   1 
ATOM 231 C CA  . ILE A 1 51  ? 3.436   -0.849  3.684   1.00 189.15 ? 31 ILE A CA  1 
ATOM 232 C C   . ILE A 1 51  ? 3.828   0.605   3.438   1.00 189.43 ? 31 ILE A C   1 
ATOM 233 O O   . ILE A 1 51  ? 5.005   0.942   3.328   1.00 186.16 ? 31 ILE A O   1 
ATOM 234 C CB  . ILE A 1 51  ? 2.628   -1.329  2.443   1.00 189.60 ? 31 ILE A CB  1 
ATOM 235 C CG1 . ILE A 1 51  ? 2.424   -2.845  2.494   1.00 190.82 ? 31 ILE A CG1 1 
ATOM 236 C CG2 . ILE A 1 51  ? 3.345   -0.923  1.154   1.00 181.91 ? 31 ILE A CG2 1 
ATOM 237 C CD1 . ILE A 1 51  ? 3.688   -3.649  2.408   1.00 189.01 ? 31 ILE A CD1 1 
ATOM 238 N N   . CYS A 1 52  ? 2.826   1.467   3.369   1.00 191.55 ? 32 CYS A N   1 
ATOM 239 C CA  . CYS A 1 52  ? 3.062   2.873   3.102   1.00 193.33 ? 32 CYS A CA  1 
ATOM 240 C C   . CYS A 1 52  ? 3.848   3.595   4.197   1.00 187.24 ? 32 CYS A C   1 
ATOM 241 O O   . CYS A 1 52  ? 4.764   4.355   3.908   1.00 183.98 ? 32 CYS A O   1 
ATOM 242 C CB  . CYS A 1 52  ? 1.718   3.567   2.825   1.00 198.11 ? 32 CYS A CB  1 
ATOM 243 S SG  . CYS A 1 52  ? 0.854   2.940   1.334   1.00 208.70 ? 32 CYS A SG  1 
ATOM 244 N N   . SER A 1 53  ? 3.497   3.358   5.448   1.00 184.28 ? 33 SER A N   1 
ATOM 245 C CA  . SER A 1 53  ? 4.205   3.997   6.534   1.00 189.17 ? 33 SER A CA  1 
ATOM 246 C C   . SER A 1 53  ? 5.694   3.955   6.250   1.00 188.57 ? 33 SER A C   1 
ATOM 247 O O   . SER A 1 53  ? 6.395   4.961   6.386   1.00 181.21 ? 33 SER A O   1 
ATOM 248 C CB  . SER A 1 53  ? 3.929   3.265   7.838   1.00 200.59 ? 33 SER A CB  1 
ATOM 249 O OG  . SER A 1 53  ? 4.841   3.684   8.841   1.00 215.06 ? 33 SER A OG  1 
ATOM 250 N N   . LEU A 1 54  ? 6.158   2.768   5.860   1.00 190.47 ? 34 LEU A N   1 
ATOM 251 C CA  . LEU A 1 54  ? 7.566   2.504   5.541   1.00 194.02 ? 34 LEU A CA  1 
ATOM 252 C C   . LEU A 1 54  ? 8.088   3.377   4.403   1.00 194.23 ? 34 LEU A C   1 
ATOM 253 O O   . LEU A 1 54  ? 9.143   4.009   4.508   1.00 187.29 ? 34 LEU A O   1 
ATOM 254 C CB  . LEU A 1 54  ? 7.733   1.037   5.133   1.00 191.63 ? 34 LEU A CB  1 
ATOM 255 C CG  . LEU A 1 54  ? 9.023   0.710   4.381   1.00 191.80 ? 34 LEU A CG  1 
ATOM 256 C CD1 . LEU A 1 54  ? 10.160  0.621   5.372   1.00 191.18 ? 34 LEU A CD1 1 
ATOM 257 C CD2 . LEU A 1 54  ? 8.878   -0.596  3.628   1.00 188.59 ? 34 LEU A CD2 1 
ATOM 258 N N   . VAL A 1 55  ? 7.334   3.375   3.310   1.00 194.22 ? 35 VAL A N   1 
ATOM 259 C CA  . VAL A 1 55  ? 7.677   4.127   2.121   1.00 189.71 ? 35 VAL A CA  1 
ATOM 260 C C   . VAL A 1 55  ? 7.614   5.641   2.325   1.00 195.67 ? 35 VAL A C   1 
ATOM 261 O O   . VAL A 1 55  ? 8.454   6.368   1.809   1.00 200.65 ? 35 VAL A O   1 
ATOM 262 C CB  . VAL A 1 55  ? 6.755   3.731   0.955   1.00 183.04 ? 35 VAL A CB  1 
ATOM 263 C CG1 . VAL A 1 55  ? 6.241   2.318   1.171   1.00 174.40 ? 35 VAL A CG1 1 
ATOM 264 C CG2 . VAL A 1 55  ? 5.614   4.710   0.827   1.00 179.36 ? 35 VAL A CG2 1 
ATOM 265 N N   . GLU A 1 56  ? 6.626   6.130   3.069   1.00 197.91 ? 36 GLU A N   1 
ATOM 266 C CA  . GLU A 1 56  ? 6.523   7.570   3.276   1.00 200.82 ? 36 GLU A CA  1 
ATOM 267 C C   . GLU A 1 56  ? 7.509   8.111   4.310   1.00 197.95 ? 36 GLU A C   1 
ATOM 268 O O   . GLU A 1 56  ? 7.982   9.238   4.174   1.00 197.59 ? 36 GLU A O   1 
ATOM 269 C CB  . GLU A 1 56  ? 5.086   7.965   3.673   1.00 209.30 ? 36 GLU A CB  1 
ATOM 270 C CG  . GLU A 1 56  ? 4.053   7.876   2.536   1.00 218.74 ? 36 GLU A CG  1 
ATOM 271 C CD  . GLU A 1 56  ? 2.617   8.170   2.987   1.00 224.52 ? 36 GLU A CD  1 
ATOM 272 O OE1 . GLU A 1 56  ? 2.327   8.052   4.200   1.00 227.93 ? 36 GLU A OE1 1 
ATOM 273 O OE2 . GLU A 1 56  ? 1.773   8.497   2.120   1.00 225.56 ? 36 GLU A OE2 1 
ATOM 274 N N   . ASN A 1 57  ? 7.839   7.312   5.323   1.00 194.94 ? 37 ASN A N   1 
ATOM 275 C CA  . ASN A 1 57  ? 8.744   7.772   6.376   1.00 193.65 ? 37 ASN A CA  1 
ATOM 276 C C   . ASN A 1 57  ? 10.181  7.271   6.315   1.00 192.36 ? 37 ASN A C   1 
ATOM 277 O O   . ASN A 1 57  ? 11.088  7.889   6.875   1.00 185.79 ? 37 ASN A O   1 
ATOM 278 C CB  . ASN A 1 57  ? 8.123   7.455   7.727   1.00 193.82 ? 37 ASN A CB  1 
ATOM 279 C CG  . ASN A 1 57  ? 6.813   8.176   7.926   1.00 193.81 ? 37 ASN A CG  1 
ATOM 280 O OD1 . ASN A 1 57  ? 6.775   9.409   7.994   1.00 190.28 ? 37 ASN A OD1 1 
ATOM 281 N ND2 . ASN A 1 57  ? 5.725   7.418   7.998   1.00 190.41 ? 37 ASN A ND2 1 
ATOM 282 N N   . ILE A 1 58  ? 10.394  6.158   5.633   1.00 193.51 ? 38 ILE A N   1 
ATOM 283 C CA  . ILE A 1 58  ? 11.739  5.634   5.495   1.00 196.52 ? 38 ILE A CA  1 
ATOM 284 C C   . ILE A 1 58  ? 12.173  5.712   4.033   1.00 197.71 ? 38 ILE A C   1 
ATOM 285 O O   . ILE A 1 58  ? 12.901  6.632   3.654   1.00 193.95 ? 38 ILE A O   1 
ATOM 286 C CB  . ILE A 1 58  ? 11.828  4.177   5.992   1.00 198.40 ? 38 ILE A CB  1 
ATOM 287 C CG1 . ILE A 1 58  ? 11.648  4.150   7.509   1.00 203.80 ? 38 ILE A CG1 1 
ATOM 288 C CG2 . ILE A 1 58  ? 13.168  3.570   5.611   1.00 193.37 ? 38 ILE A CG2 1 
ATOM 289 C CD1 . ILE A 1 58  ? 11.759  2.767   8.126   1.00 210.48 ? 38 ILE A CD1 1 
ATOM 290 N N   . ILE A 1 59  ? 11.694  4.765   3.221   1.00 196.76 ? 39 ILE A N   1 
ATOM 291 C CA  . ILE A 1 59  ? 12.030  4.661   1.792   1.00 191.16 ? 39 ILE A CA  1 
ATOM 292 C C   . ILE A 1 59  ? 12.130  5.987   1.010   1.00 189.97 ? 39 ILE A C   1 
ATOM 293 O O   . ILE A 1 59  ? 13.218  6.386   0.595   1.00 182.64 ? 39 ILE A O   1 
ATOM 294 C CB  . ILE A 1 59  ? 11.021  3.729   1.046   1.00 187.57 ? 39 ILE A CB  1 
ATOM 295 C CG1 . ILE A 1 59  ? 10.645  2.525   1.918   1.00 182.17 ? 39 ILE A CG1 1 
ATOM 296 C CG2 . ILE A 1 59  ? 11.635  3.242   -0.275  1.00 181.07 ? 39 ILE A CG2 1 
ATOM 297 C CD1 . ILE A 1 59  ? 11.670  1.416   1.949   1.00 184.16 ? 39 ILE A CD1 1 
ATOM 298 N N   . MET A 1 60  ? 10.999  6.656   0.797   1.00 193.52 ? 40 MET A N   1 
ATOM 299 C CA  . MET A 1 60  ? 10.996  7.912   0.054   1.00 196.42 ? 40 MET A CA  1 
ATOM 300 C C   . MET A 1 60  ? 12.084  8.834   0.563   1.00 198.15 ? 40 MET A C   1 
ATOM 301 O O   . MET A 1 60  ? 12.871  9.344   -0.214  1.00 197.50 ? 40 MET A O   1 
ATOM 302 C CB  . MET A 1 60  ? 9.622   8.605   0.119   1.00 199.75 ? 40 MET A CB  1 
ATOM 303 C CG  . MET A 1 60  ? 8.565   7.977   -0.819  1.00 203.13 ? 40 MET A CG  1 
ATOM 304 S SD  . MET A 1 60  ? 6.981   8.886   -1.003  1.00 216.86 ? 40 MET A SD  1 
ATOM 305 C CE  . MET A 1 60  ? 7.314   9.936   -2.474  1.00 202.51 ? 40 MET A CE  1 
ATOM 306 N N   . PRO A 1 61  ? 12.154  9.057   1.877   1.00 200.47 ? 41 PRO A N   1 
ATOM 307 C CA  . PRO A 1 61  ? 13.204  9.940   2.375   1.00 202.24 ? 41 PRO A CA  1 
ATOM 308 C C   . PRO A 1 61  ? 14.585  9.451   1.938   1.00 205.54 ? 41 PRO A C   1 
ATOM 309 O O   . PRO A 1 61  ? 15.348  10.204  1.333   1.00 209.07 ? 41 PRO A O   1 
ATOM 310 C CB  . PRO A 1 61  ? 13.021  9.868   3.882   1.00 199.92 ? 41 PRO A CB  1 
ATOM 311 C CG  . PRO A 1 61  ? 11.555  9.713   4.014   1.00 207.08 ? 41 PRO A CG  1 
ATOM 312 C CD  . PRO A 1 61  ? 11.231  8.685   2.959   1.00 203.47 ? 41 PRO A CD  1 
ATOM 313 N N   . LEU A 1 62  ? 14.902  8.190   2.233   1.00 207.43 ? 42 LEU A N   1 
ATOM 314 C CA  . LEU A 1 62  ? 16.211  7.630   1.873   1.00 203.58 ? 42 LEU A CA  1 
ATOM 315 C C   . LEU A 1 62  ? 16.526  8.005   0.442   1.00 205.11 ? 42 LEU A C   1 
ATOM 316 O O   . LEU A 1 62  ? 17.416  8.820   0.185   1.00 204.07 ? 42 LEU A O   1 
ATOM 317 C CB  . LEU A 1 62  ? 16.228  6.101   2.040   1.00 195.33 ? 42 LEU A CB  1 
ATOM 318 C CG  . LEU A 1 62  ? 16.138  5.590   3.488   1.00 191.87 ? 42 LEU A CG  1 
ATOM 319 C CD1 . LEU A 1 62  ? 15.930  4.092   3.498   1.00 192.03 ? 42 LEU A CD1 1 
ATOM 320 C CD2 . LEU A 1 62  ? 17.389  5.947   4.256   1.00 181.56 ? 42 LEU A CD2 1 
ATOM 321 N N   . ILE A 1 63  ? 15.769  7.426   -0.484  1.00 207.86 ? 43 ILE A N   1 
ATOM 322 C CA  . ILE A 1 63  ? 15.938  7.697   -1.906  1.00 207.62 ? 43 ILE A CA  1 
ATOM 323 C C   . ILE A 1 63  ? 16.107  9.198   -2.158  1.00 210.83 ? 43 ILE A C   1 
ATOM 324 O O   . ILE A 1 63  ? 16.595  9.611   -3.207  1.00 208.47 ? 43 ILE A O   1 
ATOM 325 C CB  . ILE A 1 63  ? 14.714  7.194   -2.710  1.00 201.03 ? 43 ILE A CB  1 
ATOM 326 C CG1 . ILE A 1 63  ? 14.468  5.710   -2.413  1.00 198.83 ? 43 ILE A CG1 1 
ATOM 327 C CG2 . ILE A 1 63  ? 14.936  7.440   -4.198  1.00 192.97 ? 43 ILE A CG2 1 
ATOM 328 C CD1 . ILE A 1 63  ? 13.208  5.141   -3.050  1.00 189.85 ? 43 ILE A CD1 1 
ATOM 329 N N   . GLY A 1 64  ? 15.709  10.007  -1.182  1.00 215.66 ? 44 GLY A N   1 
ATOM 330 C CA  . GLY A 1 64  ? 15.807  11.445  -1.327  1.00 225.92 ? 44 GLY A CA  1 
ATOM 331 C C   . GLY A 1 64  ? 17.124  12.065  -0.900  1.00 233.68 ? 44 GLY A C   1 
ATOM 332 O O   . GLY A 1 64  ? 17.531  13.087  -1.455  1.00 239.73 ? 44 GLY A O   1 
ATOM 333 N N   . LYS A 1 65  ? 17.793  11.475  0.086   1.00 237.37 ? 45 LYS A N   1 
ATOM 334 C CA  . LYS A 1 65  ? 19.065  12.026  0.538   1.00 239.02 ? 45 LYS A CA  1 
ATOM 335 C C   . LYS A 1 65  ? 20.228  11.332  -0.142  1.00 239.59 ? 45 LYS A C   1 
ATOM 336 O O   . LYS A 1 65  ? 21.371  11.761  0.013   1.00 241.45 ? 45 LYS A O   1 
ATOM 337 C CB  . LYS A 1 65  ? 19.212  11.914  2.063   1.00 236.72 ? 45 LYS A CB  1 
ATOM 338 C CG  . LYS A 1 65  ? 18.277  12.833  2.843   1.00 234.62 ? 45 LYS A CG  1 
ATOM 339 C CD  . LYS A 1 65  ? 18.512  12.760  4.344   1.00 231.87 ? 45 LYS A CD  1 
ATOM 340 C CE  . LYS A 1 65  ? 17.426  13.520  5.094   1.00 230.75 ? 45 LYS A CE  1 
ATOM 341 N NZ  . LYS A 1 65  ? 17.306  14.934  4.648   1.00 230.61 ? 45 LYS A NZ  1 
ATOM 342 N N   . ILE A 1 66  ? 19.934  10.273  -0.902  1.00 239.91 ? 46 ILE A N   1 
ATOM 343 C CA  . ILE A 1 66  ? 20.978  9.524   -1.600  1.00 241.01 ? 46 ILE A CA  1 
ATOM 344 C C   . ILE A 1 66  ? 20.849  9.441   -3.138  1.00 242.66 ? 46 ILE A C   1 
ATOM 345 O O   . ILE A 1 66  ? 21.233  10.385  -3.831  1.00 241.29 ? 46 ILE A O   1 
ATOM 346 C CB  . ILE A 1 66  ? 21.150  8.084   -0.986  1.00 240.29 ? 46 ILE A CB  1 
ATOM 347 C CG1 . ILE A 1 66  ? 19.885  7.241   -1.172  1.00 240.29 ? 46 ILE A CG1 1 
ATOM 348 C CG2 . ILE A 1 66  ? 21.470  8.193   0.511   1.00 237.12 ? 46 ILE A CG2 1 
ATOM 349 C CD1 . ILE A 1 66  ? 20.053  5.779   -0.742  1.00 238.55 ? 46 ILE A CD1 1 
ATOM 350 N N   . PHE A 1 67  ? 20.325  8.335   -3.671  1.00 246.46 ? 47 PHE A N   1 
ATOM 351 C CA  . PHE A 1 67  ? 20.189  8.148   -5.127  1.00 251.57 ? 47 PHE A CA  1 
ATOM 352 C C   . PHE A 1 67  ? 19.718  9.378   -5.914  1.00 254.70 ? 47 PHE A C   1 
ATOM 353 O O   . PHE A 1 67  ? 19.788  9.382   -7.140  1.00 253.13 ? 47 PHE A O   1 
ATOM 354 C CB  . PHE A 1 67  ? 19.229  6.990   -5.455  1.00 254.90 ? 47 PHE A CB  1 
ATOM 355 C CG  . PHE A 1 67  ? 19.816  5.599   -5.271  1.00 259.39 ? 47 PHE A CG  1 
ATOM 356 C CD1 . PHE A 1 67  ? 20.195  5.132   -4.010  1.00 262.24 ? 47 PHE A CD1 1 
ATOM 357 C CD2 . PHE A 1 67  ? 19.893  4.717   -6.353  1.00 260.23 ? 47 PHE A CD2 1 
ATOM 358 C CE1 . PHE A 1 67  ? 20.646  3.805   -3.830  1.00 262.96 ? 47 PHE A CE1 1 
ATOM 359 C CE2 . PHE A 1 67  ? 20.343  3.393   -6.184  1.00 260.15 ? 47 PHE A CE2 1 
ATOM 360 C CZ  . PHE A 1 67  ? 20.711  2.937   -4.919  1.00 259.80 ? 47 PHE A CZ  1 
ATOM 361 N N   . GLY A 1 68  ? 19.221  10.402  -5.221  1.00 259.35 ? 48 GLY A N   1 
ATOM 362 C CA  . GLY A 1 68  ? 18.755  11.600  -5.904  1.00 266.11 ? 48 GLY A CA  1 
ATOM 363 C C   . GLY A 1 68  ? 17.630  12.342  -5.195  1.00 271.21 ? 48 GLY A C   1 
ATOM 364 O O   . GLY A 1 68  ? 17.266  11.986  -4.074  1.00 273.14 ? 48 GLY A O   1 
ATOM 365 N N   . SER A 1 69  ? 17.077  13.369  -5.844  1.00 274.83 ? 49 SER A N   1 
ATOM 366 C CA  . SER A 1 69  ? 15.984  14.161  -5.267  1.00 276.09 ? 49 SER A CA  1 
ATOM 367 C C   . SER A 1 69  ? 14.674  13.376  -5.238  1.00 276.88 ? 49 SER A C   1 
ATOM 368 O O   . SER A 1 69  ? 14.480  12.440  -6.013  1.00 278.10 ? 49 SER A O   1 
ATOM 369 C CB  . SER A 1 69  ? 15.782  15.462  -6.052  1.00 275.01 ? 49 SER A CB  1 
ATOM 370 O OG  . SER A 1 69  ? 14.719  16.227  -5.504  1.00 275.26 ? 49 SER A OG  1 
ATOM 371 N N   . VAL A 1 70  ? 13.768  13.776  -4.352  1.00 276.92 ? 50 VAL A N   1 
ATOM 372 C CA  . VAL A 1 70  ? 12.497  13.084  -4.199  1.00 277.25 ? 50 VAL A CA  1 
ATOM 373 C C   . VAL A 1 70  ? 11.581  13.009  -5.427  1.00 275.88 ? 50 VAL A C   1 
ATOM 374 O O   . VAL A 1 70  ? 11.496  11.963  -6.071  1.00 274.79 ? 50 VAL A O   1 
ATOM 375 C CB  . VAL A 1 70  ? 11.699  13.660  -2.989  1.00 278.74 ? 50 VAL A CB  1 
ATOM 376 C CG1 . VAL A 1 70  ? 11.443  15.151  -3.174  1.00 276.98 ? 50 VAL A CG1 1 
ATOM 377 C CG2 . VAL A 1 70  ? 10.396  12.889  -2.814  1.00 280.13 ? 50 VAL A CG2 1 
ATOM 378 N N   . ASP A 1 71  ? 10.900  14.099  -5.762  1.00 273.92 ? 51 ASP A N   1 
ATOM 379 C CA  . ASP A 1 71  ? 9.984   14.065  -6.896  1.00 269.94 ? 51 ASP A CA  1 
ATOM 380 C C   . ASP A 1 71  ? 10.060  15.222  -7.884  1.00 266.91 ? 51 ASP A C   1 
ATOM 381 O O   . ASP A 1 71  ? 10.688  16.251  -7.630  1.00 268.11 ? 51 ASP A O   1 
ATOM 382 C CB  . ASP A 1 71  ? 8.545   13.929  -6.389  1.00 270.89 ? 51 ASP A CB  1 
ATOM 383 C CG  . ASP A 1 71  ? 8.210   12.514  -5.945  1.00 273.45 ? 51 ASP A CG  1 
ATOM 384 O OD1 . ASP A 1 71  ? 8.175   11.618  -6.818  1.00 272.67 ? 51 ASP A OD1 1 
ATOM 385 O OD2 . ASP A 1 71  ? 7.980   12.298  -4.731  1.00 273.10 ? 51 ASP A OD2 1 
ATOM 386 N N   . PHE A 1 72  ? 9.391   15.023  -9.016  1.00 262.40 ? 52 PHE A N   1 
ATOM 387 C CA  . PHE A 1 72  ? 9.321   15.992  -10.103 1.00 255.25 ? 52 PHE A CA  1 
ATOM 388 C C   . PHE A 1 72  ? 8.026   15.734  -10.886 1.00 253.69 ? 52 PHE A C   1 
ATOM 389 O O   . PHE A 1 72  ? 7.910   14.735  -11.596 1.00 249.84 ? 52 PHE A O   1 
ATOM 390 C CB  . PHE A 1 72  ? 10.560  15.843  -11.002 1.00 250.43 ? 52 PHE A CB  1 
ATOM 391 C CG  . PHE A 1 72  ? 10.937  14.409  -11.296 1.00 245.48 ? 52 PHE A CG  1 
ATOM 392 C CD1 . PHE A 1 72  ? 10.396  13.736  -12.387 1.00 243.21 ? 52 PHE A CD1 1 
ATOM 393 C CD2 . PHE A 1 72  ? 11.822  13.727  -10.470 1.00 242.28 ? 52 PHE A CD2 1 
ATOM 394 C CE1 . PHE A 1 72  ? 10.733  12.405  -12.652 1.00 237.15 ? 52 PHE A CE1 1 
ATOM 395 C CE2 . PHE A 1 72  ? 12.164  12.398  -10.729 1.00 238.94 ? 52 PHE A CE2 1 
ATOM 396 C CZ  . PHE A 1 72  ? 11.616  11.739  -11.824 1.00 235.46 ? 52 PHE A CZ  1 
ATOM 397 N N   . ALA A 1 73  ? 7.045   16.622  -10.735 1.00 253.62 ? 53 ALA A N   1 
ATOM 398 C CA  . ALA A 1 73  ? 5.758   16.468  -11.418 1.00 257.47 ? 53 ALA A CA  1 
ATOM 399 C C   . ALA A 1 73  ? 4.926   17.744  -11.377 1.00 258.80 ? 53 ALA A C   1 
ATOM 400 O O   . ALA A 1 73  ? 3.854   17.831  -11.990 1.00 257.03 ? 53 ALA A O   1 
ATOM 401 C CB  . ALA A 1 73  ? 4.980   15.298  -10.819 1.00 257.37 ? 53 ALA A CB  1 
ATOM 402 N N   . LYS A 1 74  ? 5.409   18.715  -10.608 1.00 260.45 ? 54 LYS A N   1 
ATOM 403 C CA  . LYS A 1 74  ? 4.778   20.001  -10.549 1.00 263.08 ? 54 LYS A CA  1 
ATOM 404 C C   . LYS A 1 74  ? 5.045   20.599  -11.912 1.00 263.44 ? 54 LYS A C   1 
ATOM 405 O O   . LYS A 1 74  ? 5.204   21.807  -12.066 1.00 265.25 ? 54 LYS A O   1 
ATOM 406 C CB  . LYS A 1 74  ? 5.387   20.877  -9.468  1.00 263.69 ? 54 LYS A CB  1 
ATOM 407 C CG  . LYS A 1 74  ? 6.885   21.115  -9.699  1.00 265.71 ? 54 LYS A CG  1 
ATOM 408 C CD  . LYS A 1 74  ? 7.606   21.716  -8.494  1.00 270.50 ? 54 LYS A CD  1 
ATOM 409 C CE  . LYS A 1 74  ? 9.119   21.734  -8.715  1.00 273.63 ? 54 LYS A CE  1 
ATOM 410 N NZ  . LYS A 1 74  ? 9.829   22.604  -7.734  1.00 277.44 ? 54 LYS A NZ  1 
ATOM 411 N N   . GLU A 1 75  ? 5.081   19.723  -12.933 1.00 262.07 ? 55 GLU A N   1 
ATOM 412 C CA  . GLU A 1 75  ? 5.488   20.128  -14.259 1.00 259.12 ? 55 GLU A CA  1 
ATOM 413 C C   . GLU A 1 75  ? 4.533   20.859  -15.257 1.00 262.11 ? 55 GLU A C   1 
ATOM 414 O O   . GLU A 1 75  ? 5.034   21.706  -16.002 1.00 262.32 ? 55 GLU A O   1 
ATOM 415 C CB  . GLU A 1 75  ? 6.016   18.868  -14.983 1.00 249.30 ? 55 GLU A CB  1 
ATOM 416 C CG  . GLU A 1 75  ? 7.331   18.254  -14.464 1.00 232.30 ? 55 GLU A CG  1 
ATOM 417 C CD  . GLU A 1 75  ? 7.948   17.181  -15.343 1.00 221.88 ? 55 GLU A CD  1 
ATOM 418 O OE1 . GLU A 1 75  ? 7.276   16.765  -16.297 1.00 214.08 ? 55 GLU A OE1 1 
ATOM 419 O OE2 . GLU A 1 75  ? 9.086   16.773  -15.060 1.00 210.16 ? 55 GLU A OE2 1 
ATOM 420 N N   . TRP A 1 76  ? 3.215   20.626  -15.309 1.00 263.38 ? 56 TRP A N   1 
ATOM 421 C CA  . TRP A 1 76  ? 2.537   21.087  -16.548 1.00 267.80 ? 56 TRP A CA  1 
ATOM 422 C C   . TRP A 1 76  ? 1.623   22.324  -16.709 1.00 274.24 ? 56 TRP A C   1 
ATOM 423 O O   . TRP A 1 76  ? 1.417   23.136  -15.816 1.00 274.55 ? 56 TRP A O   1 
ATOM 424 C CB  . TRP A 1 76  ? 1.718   19.876  -17.010 1.00 260.56 ? 56 TRP A CB  1 
ATOM 425 C CG  . TRP A 1 76  ? 2.590   18.801  -17.561 1.00 252.12 ? 56 TRP A CG  1 
ATOM 426 C CD1 . TRP A 1 76  ? 3.953   18.726  -17.543 1.00 249.51 ? 56 TRP A CD1 1 
ATOM 427 C CD2 . TRP A 1 76  ? 2.137   17.628  -18.266 1.00 245.96 ? 56 TRP A CD2 1 
ATOM 428 N NE1 . TRP A 1 76  ? 4.372   17.592  -18.192 1.00 245.79 ? 56 TRP A NE1 1 
ATOM 429 C CE2 . TRP A 1 76  ? 3.283   16.897  -18.639 1.00 243.23 ? 56 TRP A CE2 1 
ATOM 430 C CE3 . TRP A 1 76  ? 0.877   17.128  -18.612 1.00 242.51 ? 56 TRP A CE3 1 
ATOM 431 C CZ2 . TRP A 1 76  ? 3.210   15.692  -19.330 1.00 240.27 ? 56 TRP A CZ2 1 
ATOM 432 C CZ3 . TRP A 1 76  ? 0.805   15.930  -19.299 1.00 241.36 ? 56 TRP A CZ3 1 
ATOM 433 C CH2 . TRP A 1 76  ? 1.970   15.223  -19.650 1.00 241.64 ? 56 TRP A CH2 1 
ATOM 434 N N   . SER A 1 77  ? 1.097   22.360  -17.939 1.00 284.06 ? 57 SER A N   1 
ATOM 435 C CA  . SER A 1 77  ? 0.187   23.303  -18.562 1.00 290.54 ? 57 SER A CA  1 
ATOM 436 C C   . SER A 1 77  ? 0.076   22.886  -20.029 1.00 292.42 ? 57 SER A C   1 
ATOM 437 O O   . SER A 1 77  ? 1.054   22.380  -20.589 1.00 287.76 ? 57 SER A O   1 
ATOM 438 C CB  . SER A 1 77  ? 0.696   24.738  -18.449 1.00 293.15 ? 57 SER A CB  1 
ATOM 439 O OG  . SER A 1 77  ? 0.246   25.527  -19.536 1.00 296.78 ? 57 SER A OG  1 
ATOM 440 N N   . PHE A 1 78  ? -1.070  23.097  -20.677 1.00 296.77 ? 58 PHE A N   1 
ATOM 441 C CA  . PHE A 1 78  ? -1.227  22.665  -22.076 1.00 305.55 ? 58 PHE A CA  1 
ATOM 442 C C   . PHE A 1 78  ? -2.436  23.327  -22.777 1.00 308.71 ? 58 PHE A C   1 
ATOM 443 O O   . PHE A 1 78  ? -3.442  22.658  -23.006 1.00 313.41 ? 58 PHE A O   1 
ATOM 444 C CB  . PHE A 1 78  ? -1.376  21.129  -22.068 1.00 310.11 ? 58 PHE A CB  1 
ATOM 445 C CG  . PHE A 1 78  ? -1.467  20.481  -23.422 1.00 316.29 ? 58 PHE A CG  1 
ATOM 446 C CD1 . PHE A 1 78  ? -0.392  20.498  -24.310 1.00 317.72 ? 58 PHE A CD1 1 
ATOM 447 C CD2 . PHE A 1 78  ? -2.618  19.786  -23.773 1.00 317.56 ? 58 PHE A CD2 1 
ATOM 448 C CE1 . PHE A 1 78  ? -0.460  19.811  -25.523 1.00 318.68 ? 58 PHE A CE1 1 
ATOM 449 C CE2 . PHE A 1 78  ? -2.697  19.098  -24.979 1.00 317.99 ? 58 PHE A CE2 1 
ATOM 450 C CZ  . PHE A 1 78  ? -1.624  19.112  -25.857 1.00 318.83 ? 58 PHE A CZ  1 
ATOM 451 N N   . TRP A 1 79  ? -2.345  24.651  -23.108 1.00 308.79 ? 59 TRP A N   1 
ATOM 452 C CA  . TRP A 1 79  ? -3.459  25.353  -23.793 1.00 305.76 ? 59 TRP A CA  1 
ATOM 453 C C   . TRP A 1 79  ? -4.737  24.981  -23.067 1.00 303.21 ? 59 TRP A C   1 
ATOM 454 O O   . TRP A 1 79  ? -5.842  24.885  -23.619 1.00 298.61 ? 59 TRP A O   1 
ATOM 455 C CB  . TRP A 1 79  ? -3.470  24.988  -25.282 1.00 306.22 ? 59 TRP A CB  1 
ATOM 456 C CG  . TRP A 1 79  ? -2.027  24.913  -25.656 1.00 308.68 ? 59 TRP A CG  1 
ATOM 457 C CD1 . TRP A 1 79  ? -1.318  23.846  -26.149 1.00 309.45 ? 59 TRP A CD1 1 
ATOM 458 C CD2 . TRP A 1 79  ? -1.097  25.989  -25.539 1.00 310.25 ? 59 TRP A CD2 1 
ATOM 459 N NE1 . TRP A 1 79  ? 0.016   24.174  -26.267 1.00 311.13 ? 59 TRP A NE1 1 
ATOM 460 C CE2 . TRP A 1 79  ? 0.173   25.480  -25.886 1.00 311.60 ? 59 TRP A CE2 1 
ATOM 461 C CE3 . TRP A 1 79  ? -1.207  27.330  -25.144 1.00 310.19 ? 59 TRP A CE3 1 
ATOM 462 C CZ2 . TRP A 1 79  ? 1.335   26.261  -25.817 1.00 312.13 ? 59 TRP A CZ2 1 
ATOM 463 C CZ3 . TRP A 1 79  ? -0.051  28.111  -25.101 1.00 310.80 ? 59 TRP A CZ3 1 
ATOM 464 C CH2 . TRP A 1 79  ? 1.194   27.570  -25.417 1.00 311.59 ? 59 TRP A CH2 1 
ATOM 465 N N   . GLY A 1 80  ? -4.489  24.803  -21.777 1.00 301.95 ? 60 GLY A N   1 
ATOM 466 C CA  . GLY A 1 80  ? -5.424  24.411  -20.748 1.00 295.65 ? 60 GLY A CA  1 
ATOM 467 C C   . GLY A 1 80  ? -4.345  24.056  -19.734 1.00 290.72 ? 60 GLY A C   1 
ATOM 468 O O   . GLY A 1 80  ? -3.198  24.481  -19.909 1.00 292.77 ? 60 GLY A O   1 
ATOM 469 N N   . ILE A 1 81  ? -4.644  23.298  -18.691 1.00 281.63 ? 61 ILE A N   1 
ATOM 470 C CA  . ILE A 1 81  ? -3.574  22.970  -17.765 1.00 268.48 ? 61 ILE A CA  1 
ATOM 471 C C   . ILE A 1 81  ? -3.726  21.600  -17.137 1.00 258.38 ? 61 ILE A C   1 
ATOM 472 O O   . ILE A 1 81  ? -4.245  21.456  -16.030 1.00 256.36 ? 61 ILE A O   1 
ATOM 473 C CB  . ILE A 1 81  ? -3.436  24.051  -16.668 1.00 272.60 ? 61 ILE A CB  1 
ATOM 474 C CG1 . ILE A 1 81  ? -2.226  23.732  -15.786 1.00 275.45 ? 61 ILE A CG1 1 
ATOM 475 C CG2 . ILE A 1 81  ? -4.725  24.153  -15.861 1.00 270.82 ? 61 ILE A CG2 1 
ATOM 476 C CD1 . ILE A 1 81  ? -1.838  24.852  -14.828 1.00 277.96 ? 61 ILE A CD1 1 
ATOM 477 N N   . LYS A 1 82  ? -3.278  20.582  -17.859 1.00 244.89 ? 62 LYS A N   1 
ATOM 478 C CA  . LYS A 1 82  ? -3.361  19.235  -17.332 1.00 237.73 ? 62 LYS A CA  1 
ATOM 479 C C   . LYS A 1 82  ? -2.141  19.124  -16.446 1.00 232.90 ? 62 LYS A C   1 
ATOM 480 O O   . LYS A 1 82  ? -1.508  20.135  -16.144 1.00 226.81 ? 62 LYS A O   1 
ATOM 481 C CB  . LYS A 1 82  ? -3.305  18.196  -18.451 1.00 236.84 ? 62 LYS A CB  1 
ATOM 482 C CG  . LYS A 1 82  ? -3.876  18.674  -19.767 1.00 234.59 ? 62 LYS A CG  1 
ATOM 483 C CD  . LYS A 1 82  ? -5.244  19.291  -19.612 1.00 234.76 ? 62 LYS A CD  1 
ATOM 484 C CE  . LYS A 1 82  ? -5.574  20.132  -20.833 1.00 236.49 ? 62 LYS A CE  1 
ATOM 485 N NZ  . LYS A 1 82  ? -6.835  20.916  -20.690 1.00 237.99 ? 62 LYS A NZ  1 
ATOM 486 N N   . TYR A 1 83  ? -1.777  17.888  -16.086 1.00 228.90 ? 63 TYR A N   1 
ATOM 487 C CA  . TYR A 1 83  ? -0.650  17.746  -15.172 1.00 222.56 ? 63 TYR A CA  1 
ATOM 488 C C   . TYR A 1 83  ? 0.208   16.494  -15.389 1.00 217.26 ? 63 TYR A C   1 
ATOM 489 O O   . TYR A 1 83  ? -0.270  15.453  -15.862 1.00 208.00 ? 63 TYR A O   1 
ATOM 490 C CB  . TYR A 1 83  ? -1.200  17.833  -13.748 1.00 225.35 ? 63 TYR A CB  1 
ATOM 491 C CG  . TYR A 1 83  ? -1.409  19.225  -13.189 1.00 229.56 ? 63 TYR A CG  1 
ATOM 492 C CD1 . TYR A 1 83  ? -2.596  19.611  -12.571 1.00 229.02 ? 63 TYR A CD1 1 
ATOM 493 C CD2 . TYR A 1 83  ? -0.400  20.192  -13.261 1.00 232.74 ? 63 TYR A CD2 1 
ATOM 494 C CE1 . TYR A 1 83  ? -2.782  20.866  -12.022 1.00 229.05 ? 63 TYR A CE1 1 
ATOM 495 C CE2 . TYR A 1 83  ? -0.556  21.478  -12.735 1.00 232.23 ? 63 TYR A CE2 1 
ATOM 496 C CZ  . TYR A 1 83  ? -1.749  21.805  -12.103 1.00 229.73 ? 63 TYR A CZ  1 
ATOM 497 O OH  . TYR A 1 83  ? -1.902  23.071  -11.558 1.00 224.63 ? 63 TYR A OH  1 
ATOM 498 N N   . GLY A 1 84  ? 1.484   16.622  -15.034 1.00 213.92 ? 64 GLY A N   1 
ATOM 499 C CA  . GLY A 1 84  ? 2.412   15.515  -15.147 1.00 208.09 ? 64 GLY A CA  1 
ATOM 500 C C   . GLY A 1 84  ? 2.274   14.820  -13.815 1.00 203.99 ? 64 GLY A C   1 
ATOM 501 O O   . GLY A 1 84  ? 2.851   13.768  -13.543 1.00 198.77 ? 64 GLY A O   1 
ATOM 502 N N   . LEU A 1 85  ? 1.483   15.464  -12.971 1.00 200.53 ? 65 LEU A N   1 
ATOM 503 C CA  . LEU A 1 85  ? 1.178   14.959  -11.652 1.00 194.70 ? 65 LEU A CA  1 
ATOM 504 C C   . LEU A 1 85  ? 0.686   13.534  -11.862 1.00 194.13 ? 65 LEU A C   1 
ATOM 505 O O   . LEU A 1 85  ? 0.769   12.689  -10.979 1.00 185.00 ? 65 LEU A O   1 
ATOM 506 C CB  . LEU A 1 85  ? 0.090   15.826  -11.047 1.00 188.05 ? 65 LEU A CB  1 
ATOM 507 C CG  . LEU A 1 85  ? -0.051  15.716  -9.543  1.00 189.48 ? 65 LEU A CG  1 
ATOM 508 C CD1 . LEU A 1 85  ? -0.826  16.913  -9.030  1.00 188.34 ? 65 LEU A CD1 1 
ATOM 509 C CD2 . LEU A 1 85  ? -0.725  14.404  -9.185  1.00 192.90 ? 65 LEU A CD2 1 
ATOM 510 N N   . PHE A 1 86  ? 0.169   13.289  -13.063 1.00 199.93 ? 66 PHE A N   1 
ATOM 511 C CA  . PHE A 1 86  ? -0.324  11.979  -13.458 1.00 201.84 ? 66 PHE A CA  1 
ATOM 512 C C   . PHE A 1 86  ? 0.810   11.004  -13.253 1.00 203.74 ? 66 PHE A C   1 
ATOM 513 O O   . PHE A 1 86  ? 0.677   9.993   -12.565 1.00 204.69 ? 66 PHE A O   1 
ATOM 514 C CB  . PHE A 1 86  ? -0.724  11.986  -14.945 1.00 197.00 ? 66 PHE A CB  1 
ATOM 515 C CG  . PHE A 1 86  ? -0.931  10.609  -15.537 1.00 196.76 ? 66 PHE A CG  1 
ATOM 516 C CD1 . PHE A 1 86  ? -1.587  9.608   -14.821 1.00 194.80 ? 66 PHE A CD1 1 
ATOM 517 C CD2 . PHE A 1 86  ? -0.466  10.313  -16.814 1.00 197.54 ? 66 PHE A CD2 1 
ATOM 518 C CE1 . PHE A 1 86  ? -1.779  8.341   -15.374 1.00 193.26 ? 66 PHE A CE1 1 
ATOM 519 C CE2 . PHE A 1 86  ? -0.657  9.041   -17.378 1.00 196.29 ? 66 PHE A CE2 1 
ATOM 520 C CZ  . PHE A 1 86  ? -1.308  8.056   -16.654 1.00 193.29 ? 66 PHE A CZ  1 
ATOM 521 N N   . ILE A 1 87  ? 1.935   11.340  -13.862 1.00 205.48 ? 67 ILE A N   1 
ATOM 522 C CA  . ILE A 1 87  ? 3.121   10.515  -13.798 1.00 204.53 ? 67 ILE A CA  1 
ATOM 523 C C   . ILE A 1 87  ? 3.507   10.241  -12.357 1.00 195.33 ? 67 ILE A C   1 
ATOM 524 O O   . ILE A 1 87  ? 3.699   9.095   -11.967 1.00 183.64 ? 67 ILE A O   1 
ATOM 525 C CB  . ILE A 1 87  ? 4.299   11.210  -14.531 1.00 214.39 ? 67 ILE A CB  1 
ATOM 526 C CG1 . ILE A 1 87  ? 5.178   10.164  -15.233 1.00 222.29 ? 67 ILE A CG1 1 
ATOM 527 C CG2 . ILE A 1 87  ? 5.121   12.049  -13.545 1.00 214.63 ? 67 ILE A CG2 1 
ATOM 528 C CD1 . ILE A 1 87  ? 4.573   9.578   -16.526 1.00 220.76 ? 67 ILE A CD1 1 
ATOM 529 N N   . GLN A 1 88  ? 3.605   11.304  -11.572 1.00 190.50 ? 68 GLN A N   1 
ATOM 530 C CA  . GLN A 1 88  ? 3.996   11.188  -10.185 1.00 192.50 ? 68 GLN A CA  1 
ATOM 531 C C   . GLN A 1 88  ? 3.322   10.004  -9.516  1.00 189.23 ? 68 GLN A C   1 
ATOM 532 O O   . GLN A 1 88  ? 3.970   9.188   -8.894  1.00 181.47 ? 68 GLN A O   1 
ATOM 533 C CB  . GLN A 1 88  ? 3.643   12.475  -9.473  1.00 201.07 ? 68 GLN A CB  1 
ATOM 534 C CG  . GLN A 1 88  ? 4.283   12.651  -8.125  1.00 216.49 ? 68 GLN A CG  1 
ATOM 535 C CD  . GLN A 1 88  ? 3.825   13.945  -7.441  1.00 232.22 ? 68 GLN A CD  1 
ATOM 536 O OE1 . GLN A 1 88  ? 4.035   15.058  -7.956  1.00 233.94 ? 68 GLN A OE1 1 
ATOM 537 N NE2 . GLN A 1 88  ? 3.190   13.803  -6.275  1.00 238.11 ? 68 GLN A NE2 1 
ATOM 538 N N   . SER A 1 89  ? 2.011   9.902   -9.667  1.00 194.77 ? 69 SER A N   1 
ATOM 539 C CA  . SER A 1 89  ? 1.260   8.807   -9.064  1.00 199.94 ? 69 SER A CA  1 
ATOM 540 C C   . SER A 1 89  ? 1.737   7.454   -9.571  1.00 202.56 ? 69 SER A C   1 
ATOM 541 O O   . SER A 1 89  ? 1.642   6.446   -8.872  1.00 200.79 ? 69 SER A O   1 
ATOM 542 C CB  . SER A 1 89  ? -0.234  8.953   -9.375  1.00 203.31 ? 69 SER A CB  1 
ATOM 543 O OG  . SER A 1 89  ? -0.521  8.648   -10.735 1.00 201.01 ? 69 SER A OG  1 
ATOM 544 N N   . VAL A 1 90  ? 2.232   7.433   -10.802 1.00 208.93 ? 70 VAL A N   1 
ATOM 545 C CA  . VAL A 1 90  ? 2.708   6.196   -11.408 1.00 214.21 ? 70 VAL A CA  1 
ATOM 546 C C   . VAL A 1 90  ? 4.104   5.895   -10.882 1.00 211.46 ? 70 VAL A C   1 
ATOM 547 O O   . VAL A 1 90  ? 4.403   4.776   -10.448 1.00 209.42 ? 70 VAL A O   1 
ATOM 548 C CB  . VAL A 1 90  ? 2.769   6.317   -12.949 1.00 216.84 ? 70 VAL A CB  1 
ATOM 549 C CG1 . VAL A 1 90  ? 3.093   4.955   -13.563 1.00 218.34 ? 70 VAL A CG1 1 
ATOM 550 C CG2 . VAL A 1 90  ? 1.446   6.854   -13.487 1.00 217.30 ? 70 VAL A CG2 1 
ATOM 551 N N   . ILE A 1 91  ? 4.950   6.917   -10.938 1.00 207.69 ? 71 ILE A N   1 
ATOM 552 C CA  . ILE A 1 91  ? 6.329   6.840   -10.476 1.00 200.26 ? 71 ILE A CA  1 
ATOM 553 C C   . ILE A 1 91  ? 6.348   6.209   -9.082  1.00 200.88 ? 71 ILE A C   1 
ATOM 554 O O   . ILE A 1 91  ? 7.179   5.351   -8.779  1.00 195.98 ? 71 ILE A O   1 
ATOM 555 C CB  . ILE A 1 91  ? 6.947   8.272   -10.480 1.00 194.35 ? 71 ILE A CB  1 
ATOM 556 C CG1 . ILE A 1 91  ? 7.276   8.662   -11.930 1.00 185.84 ? 71 ILE A CG1 1 
ATOM 557 C CG2 . ILE A 1 91  ? 8.148   8.360   -9.544  1.00 187.06 ? 71 ILE A CG2 1 
ATOM 558 C CD1 . ILE A 1 91  ? 7.700   10.100  -12.121 1.00 182.50 ? 71 ILE A CD1 1 
ATOM 559 N N   . ASP A 1 92  ? 5.401   6.627   -8.253  1.00 204.33 ? 72 ASP A N   1 
ATOM 560 C CA  . ASP A 1 92  ? 5.271   6.114   -6.899  1.00 205.11 ? 72 ASP A CA  1 
ATOM 561 C C   . ASP A 1 92  ? 4.637   4.725   -6.972  1.00 201.88 ? 72 ASP A C   1 
ATOM 562 O O   . ASP A 1 92  ? 4.946   3.858   -6.165  1.00 192.82 ? 72 ASP A O   1 
ATOM 563 C CB  . ASP A 1 92  ? 4.401   7.065   -6.065  1.00 214.73 ? 72 ASP A CB  1 
ATOM 564 C CG  . ASP A 1 92  ? 5.033   8.450   -5.896  1.00 222.26 ? 72 ASP A CG  1 
ATOM 565 O OD1 . ASP A 1 92  ? 5.864   8.627   -4.977  1.00 224.70 ? 72 ASP A OD1 1 
ATOM 566 O OD2 . ASP A 1 92  ? 4.703   9.364   -6.690  1.00 229.22 ? 72 ASP A OD2 1 
ATOM 567 N N   . PHE A 1 93  ? 3.745   4.516   -7.940  1.00 203.91 ? 73 PHE A N   1 
ATOM 568 C CA  . PHE A 1 93  ? 3.117   3.205   -8.100  1.00 204.69 ? 73 PHE A CA  1 
ATOM 569 C C   . PHE A 1 93  ? 4.290   2.274   -8.220  1.00 202.12 ? 73 PHE A C   1 
ATOM 570 O O   . PHE A 1 93  ? 4.265   1.128   -7.757  1.00 194.64 ? 73 PHE A O   1 
ATOM 571 C CB  . PHE A 1 93  ? 2.312   3.104   -9.397  1.00 208.71 ? 73 PHE A CB  1 
ATOM 572 C CG  . PHE A 1 93  ? 1.855   1.699   -9.704  1.00 210.10 ? 73 PHE A CG  1 
ATOM 573 C CD1 . PHE A 1 93  ? 0.619   1.239   -9.261  1.00 210.58 ? 73 PHE A CD1 1 
ATOM 574 C CD2 . PHE A 1 93  ? 2.681   0.818   -10.391 1.00 208.41 ? 73 PHE A CD2 1 
ATOM 575 C CE1 . PHE A 1 93  ? 0.222   -0.079  -9.478  1.00 205.69 ? 73 PHE A CE1 1 
ATOM 576 C CE2 . PHE A 1 93  ? 2.290   -0.499  -10.609 1.00 206.95 ? 73 PHE A CE2 1 
ATOM 577 C CZ  . PHE A 1 93  ? 1.057   -0.944  -10.158 1.00 204.87 ? 73 PHE A CZ  1 
ATOM 578 N N   . ILE A 1 94  ? 5.311   2.804   -8.884  1.00 202.63 ? 74 ILE A N   1 
ATOM 579 C CA  . ILE A 1 94  ? 6.540   2.084   -9.109  1.00 203.99 ? 74 ILE A CA  1 
ATOM 580 C C   . ILE A 1 94  ? 7.298   1.944   -7.790  1.00 199.74 ? 74 ILE A C   1 
ATOM 581 O O   . ILE A 1 94  ? 7.562   0.815   -7.373  1.00 205.40 ? 74 ILE A O   1 
ATOM 582 C CB  . ILE A 1 94  ? 7.401   2.773   -10.213 1.00 204.32 ? 74 ILE A CB  1 
ATOM 583 C CG1 . ILE A 1 94  ? 6.746   2.553   -11.590 1.00 205.32 ? 74 ILE A CG1 1 
ATOM 584 C CG2 . ILE A 1 94  ? 8.800   2.203   -10.228 1.00 205.27 ? 74 ILE A CG2 1 
ATOM 585 C CD1 . ILE A 1 94  ? 7.584   2.996   -12.779 1.00 199.67 ? 74 ILE A CD1 1 
ATOM 586 N N   . ILE A 1 95  ? 7.615   3.043   -7.100  1.00 190.41 ? 75 ILE A N   1 
ATOM 587 C CA  . ILE A 1 95  ? 8.345   2.887   -5.833  1.00 179.43 ? 75 ILE A CA  1 
ATOM 588 C C   . ILE A 1 95  ? 7.510   2.264   -4.684  1.00 177.48 ? 75 ILE A C   1 
ATOM 589 O O   . ILE A 1 95  ? 8.070   1.686   -3.755  1.00 163.70 ? 75 ILE A O   1 
ATOM 590 C CB  . ILE A 1 95  ? 9.024   4.230   -5.360  1.00 170.57 ? 75 ILE A CB  1 
ATOM 591 C CG1 . ILE A 1 95  ? 8.020   5.158   -4.714  1.00 170.70 ? 75 ILE A CG1 1 
ATOM 592 C CG2 . ILE A 1 95  ? 9.637   4.957   -6.532  1.00 154.74 ? 75 ILE A CG2 1 
ATOM 593 C CD1 . ILE A 1 95  ? 8.667   6.425   -4.251  1.00 169.47 ? 75 ILE A CD1 1 
ATOM 594 N N   . ILE A 1 96  ? 6.181   2.351   -4.768  1.00 181.94 ? 76 ILE A N   1 
ATOM 595 C CA  . ILE A 1 96  ? 5.289   1.779   -3.748  1.00 189.64 ? 76 ILE A CA  1 
ATOM 596 C C   . ILE A 1 96  ? 5.284   0.249   -3.889  1.00 192.90 ? 76 ILE A C   1 
ATOM 597 O O   . ILE A 1 96  ? 5.040   -0.487  -2.923  1.00 188.01 ? 76 ILE A O   1 
ATOM 598 C CB  . ILE A 1 96  ? 3.821   2.326   -3.892  1.00 190.50 ? 76 ILE A CB  1 
ATOM 599 C CG1 . ILE A 1 96  ? 2.997   2.013   -2.628  1.00 188.74 ? 76 ILE A CG1 1 
ATOM 600 C CG2 . ILE A 1 96  ? 3.156   1.718   -5.125  1.00 191.97 ? 76 ILE A CG2 1 
ATOM 601 C CD1 . ILE A 1 96  ? 1.721   2.863   -2.461  1.00 173.83 ? 76 ILE A CD1 1 
ATOM 602 N N   . ALA A 1 97  ? 5.544   -0.217  -5.107  1.00 197.22 ? 77 ALA A N   1 
ATOM 603 C CA  . ALA A 1 97  ? 5.604   -1.642  -5.379  1.00 201.38 ? 77 ALA A CA  1 
ATOM 604 C C   . ALA A 1 97  ? 6.873   -2.087  -4.683  1.00 207.31 ? 77 ALA A C   1 
ATOM 605 O O   . ALA A 1 97  ? 6.871   -3.026  -3.888  1.00 206.85 ? 77 ALA A O   1 
ATOM 606 C CB  . ALA A 1 97  ? 5.710   -1.886  -6.875  1.00 194.64 ? 77 ALA A CB  1 
ATOM 607 N N   . PHE A 1 98  ? 7.949   -1.366  -4.986  1.00 214.43 ? 78 PHE A N   1 
ATOM 608 C CA  . PHE A 1 98  ? 9.279   -1.606  -4.435  1.00 222.20 ? 78 PHE A CA  1 
ATOM 609 C C   . PHE A 1 98  ? 9.303   -1.895  -2.935  1.00 223.77 ? 78 PHE A C   1 
ATOM 610 O O   . PHE A 1 98  ? 9.803   -2.935  -2.510  1.00 222.27 ? 78 PHE A O   1 
ATOM 611 C CB  . PHE A 1 98  ? 10.171  -0.397  -4.746  1.00 229.07 ? 78 PHE A CB  1 
ATOM 612 C CG  . PHE A 1 98  ? 11.460  -0.358  -3.956  1.00 239.43 ? 78 PHE A CG  1 
ATOM 613 C CD1 . PHE A 1 98  ? 12.404  -1.373  -4.075  1.00 241.39 ? 78 PHE A CD1 1 
ATOM 614 C CD2 . PHE A 1 98  ? 11.741  0.720   -3.108  1.00 242.95 ? 78 PHE A CD2 1 
ATOM 615 C CE1 . PHE A 1 98  ? 13.604  -1.327  -3.350  1.00 242.26 ? 78 PHE A CE1 1 
ATOM 616 C CE2 . PHE A 1 98  ? 12.940  0.774   -2.381  1.00 244.24 ? 78 PHE A CE2 1 
ATOM 617 C CZ  . PHE A 1 98  ? 13.874  -0.247  -2.509  1.00 241.77 ? 78 PHE A CZ  1 
ATOM 618 N N   . ALA A 1 99  ? 8.780   -0.975  -2.131  1.00 225.89 ? 79 ALA A N   1 
ATOM 619 C CA  . ALA A 1 99  ? 8.780   -1.165  -0.685  1.00 226.15 ? 79 ALA A CA  1 
ATOM 620 C C   . ALA A 1 99  ? 8.269   -2.547  -0.331  1.00 227.75 ? 79 ALA A C   1 
ATOM 621 O O   . ALA A 1 99  ? 8.761   -3.167  0.606   1.00 230.28 ? 79 ALA A O   1 
ATOM 622 C CB  . ALA A 1 99  ? 7.931   -0.109  -0.009  1.00 227.90 ? 79 ALA A CB  1 
ATOM 623 N N   . LEU A 1 100 ? 7.279   -3.035  -1.073  1.00 229.43 ? 80 LEU A N   1 
ATOM 624 C CA  . LEU A 1 100 ? 6.748   -4.363  -0.793  1.00 230.85 ? 80 LEU A CA  1 
ATOM 625 C C   . LEU A 1 100 ? 7.902   -5.331  -1.007  1.00 231.70 ? 80 LEU A C   1 
ATOM 626 O O   . LEU A 1 100 ? 8.193   -6.182  -0.158  1.00 232.26 ? 80 LEU A O   1 
ATOM 627 C CB  . LEU A 1 100 ? 5.597   -4.713  -1.737  1.00 229.54 ? 80 LEU A CB  1 
ATOM 628 C CG  . LEU A 1 100 ? 4.922   -6.041  -1.374  1.00 230.34 ? 80 LEU A CG  1 
ATOM 629 C CD1 . LEU A 1 100 ? 4.236   -5.908  -0.020  1.00 228.32 ? 80 LEU A CD1 1 
ATOM 630 C CD2 . LEU A 1 100 ? 3.917   -6.432  -2.439  1.00 229.46 ? 80 LEU A CD2 1 
ATOM 631 N N   . PHE A 1 101 ? 8.554   -5.175  -2.155  1.00 230.47 ? 81 PHE A N   1 
ATOM 632 C CA  . PHE A 1 101 ? 9.703   -5.991  -2.528  1.00 226.08 ? 81 PHE A CA  1 
ATOM 633 C C   . PHE A 1 101 ? 10.608  -6.080  -1.302  1.00 216.32 ? 81 PHE A C   1 
ATOM 634 O O   . PHE A 1 101 ? 10.631  -7.095  -0.602  1.00 209.26 ? 81 PHE A O   1 
ATOM 635 C CB  . PHE A 1 101 ? 10.432  -5.322  -3.709  1.00 234.56 ? 81 PHE A CB  1 
ATOM 636 C CG  . PHE A 1 101 ? 11.616  -6.092  -4.238  1.00 240.28 ? 81 PHE A CG  1 
ATOM 637 C CD1 . PHE A 1 101 ? 11.466  -7.383  -4.735  1.00 241.99 ? 81 PHE A CD1 1 
ATOM 638 C CD2 . PHE A 1 101 ? 12.882  -5.510  -4.262  1.00 241.65 ? 81 PHE A CD2 1 
ATOM 639 C CE1 . PHE A 1 101 ? 12.561  -8.077  -5.252  1.00 244.82 ? 81 PHE A CE1 1 
ATOM 640 C CE2 . PHE A 1 101 ? 13.981  -6.197  -4.776  1.00 241.73 ? 81 PHE A CE2 1 
ATOM 641 C CZ  . PHE A 1 101 ? 13.821  -7.481  -5.269  1.00 244.04 ? 81 PHE A CZ  1 
ATOM 642 N N   . ILE A 1 102 ? 11.324  -5.002  -1.019  1.00 205.32 ? 82 ILE A N   1 
ATOM 643 C CA  . ILE A 1 102 ? 12.213  -5.000  0.122   1.00 203.03 ? 82 ILE A CA  1 
ATOM 644 C C   . ILE A 1 102 ? 11.530  -5.505  1.398   1.00 201.40 ? 82 ILE A C   1 
ATOM 645 O O   . ILE A 1 102 ? 12.184  -6.070  2.270   1.00 201.81 ? 82 ILE A O   1 
ATOM 646 C CB  . ILE A 1 102 ? 12.838  -3.580  0.350   1.00 202.56 ? 82 ILE A CB  1 
ATOM 647 C CG1 . ILE A 1 102 ? 13.566  -3.534  1.702   1.00 202.81 ? 82 ILE A CG1 1 
ATOM 648 C CG2 . ILE A 1 102 ? 11.772  -2.503  0.225   1.00 204.70 ? 82 ILE A CG2 1 
ATOM 649 C CD1 . ILE A 1 102 ? 14.290  -2.234  1.980   1.00 200.73 ? 82 ILE A CD1 1 
ATOM 650 N N   . PHE A 1 103 ? 10.219  -5.339  1.514   1.00 201.80 ? 83 PHE A N   1 
ATOM 651 C CA  . PHE A 1 103 ? 9.557   -5.792  2.729   1.00 205.50 ? 83 PHE A CA  1 
ATOM 652 C C   . PHE A 1 103 ? 9.563   -7.303  2.815   1.00 213.09 ? 83 PHE A C   1 
ATOM 653 O O   . PHE A 1 103 ? 10.025  -7.878  3.803   1.00 219.01 ? 83 PHE A O   1 
ATOM 654 C CB  . PHE A 1 103 ? 8.108   -5.302  2.806   1.00 199.86 ? 83 PHE A CB  1 
ATOM 655 C CG  . PHE A 1 103 ? 7.394   -5.708  4.083   1.00 198.33 ? 83 PHE A CG  1 
ATOM 656 C CD1 . PHE A 1 103 ? 7.563   -4.980  5.259   1.00 194.35 ? 83 PHE A CD1 1 
ATOM 657 C CD2 . PHE A 1 103 ? 6.570   -6.836  4.111   1.00 196.04 ? 83 PHE A CD2 1 
ATOM 658 C CE1 . PHE A 1 103 ? 6.927   -5.368  6.442   1.00 188.87 ? 83 PHE A CE1 1 
ATOM 659 C CE2 . PHE A 1 103 ? 5.932   -7.229  5.289   1.00 187.69 ? 83 PHE A CE2 1 
ATOM 660 C CZ  . PHE A 1 103 ? 6.112   -6.493  6.453   1.00 188.39 ? 83 PHE A CZ  1 
ATOM 661 N N   . VAL A 1 104 ? 9.051   -7.949  1.776   1.00 217.49 ? 84 VAL A N   1 
ATOM 662 C CA  . VAL A 1 104 ? 8.979   -9.395  1.773   1.00 221.26 ? 84 VAL A CA  1 
ATOM 663 C C   . VAL A 1 104 ? 10.321  -10.065 2.060   1.00 227.94 ? 84 VAL A C   1 
ATOM 664 O O   . VAL A 1 104 ? 10.428  -10.849 3.001   1.00 230.53 ? 84 VAL A O   1 
ATOM 665 C CB  . VAL A 1 104 ? 8.401   -9.914  0.448   1.00 216.21 ? 84 VAL A CB  1 
ATOM 666 C CG1 . VAL A 1 104 ? 8.401   -11.425 0.439   1.00 216.45 ? 84 VAL A CG1 1 
ATOM 667 C CG2 . VAL A 1 104 ? 6.985   -9.401  0.273   1.00 210.73 ? 84 VAL A CG2 1 
ATOM 668 N N   . LYS A 1 105 ? 11.354  -9.753  1.286   1.00 232.90 ? 85 LYS A N   1 
ATOM 669 C CA  . LYS A 1 105 ? 12.636  -10.395 1.528   1.00 239.59 ? 85 LYS A CA  1 
ATOM 670 C C   . LYS A 1 105 ? 13.233  -10.130 2.915   1.00 241.49 ? 85 LYS A C   1 
ATOM 671 O O   . LYS A 1 105 ? 13.714  -11.065 3.546   1.00 250.00 ? 85 LYS A O   1 
ATOM 672 C CB  . LYS A 1 105 ? 13.644  -10.039 0.425   1.00 242.10 ? 85 LYS A CB  1 
ATOM 673 C CG  . LYS A 1 105 ? 14.125  -8.600  0.400   1.00 246.59 ? 85 LYS A CG  1 
ATOM 674 C CD  . LYS A 1 105 ? 14.959  -8.331  -0.856  1.00 245.99 ? 85 LYS A CD  1 
ATOM 675 C CE  . LYS A 1 105 ? 15.546  -6.922  -0.853  1.00 244.73 ? 85 LYS A CE  1 
ATOM 676 N NZ  . LYS A 1 105 ? 16.254  -6.603  -2.123  1.00 242.05 ? 85 LYS A NZ  1 
ATOM 677 N N   . ILE A 1 106 ? 13.206  -8.891  3.407   1.00 240.48 ? 86 ILE A N   1 
ATOM 678 C CA  . ILE A 1 106 ? 13.763  -8.613  4.737   1.00 241.61 ? 86 ILE A CA  1 
ATOM 679 C C   . ILE A 1 106 ? 12.972  -9.322  5.837   1.00 243.41 ? 86 ILE A C   1 
ATOM 680 O O   . ILE A 1 106 ? 13.510  -9.631  6.903   1.00 244.25 ? 86 ILE A O   1 
ATOM 681 C CB  . ILE A 1 106 ? 13.770  -7.089  5.083   1.00 241.75 ? 86 ILE A CB  1 
ATOM 682 C CG1 . ILE A 1 106 ? 14.807  -6.348  4.235   1.00 242.56 ? 86 ILE A CG1 1 
ATOM 683 C CG2 . ILE A 1 106 ? 14.094  -6.882  6.570   1.00 239.71 ? 86 ILE A CG2 1 
ATOM 684 C CD1 . ILE A 1 106 ? 14.934  -4.863  4.582   1.00 238.12 ? 86 ILE A CD1 1 
ATOM 685 N N   . ALA A 1 107 ? 11.698  -9.584  5.575   1.00 244.14 ? 87 ALA A N   1 
ATOM 686 C CA  . ALA A 1 107 ? 10.844  -10.222 6.564   1.00 247.70 ? 87 ALA A CA  1 
ATOM 687 C C   . ALA A 1 107 ? 10.764  -11.741 6.464   1.00 252.21 ? 87 ALA A C   1 
ATOM 688 O O   . ALA A 1 107 ? 10.736  -12.421 7.489   1.00 252.31 ? 87 ALA A O   1 
ATOM 689 C CB  . ALA A 1 107 ? 9.449   -9.623  6.489   1.00 246.01 ? 87 ALA A CB  1 
ATOM 690 N N   . ASN A 1 108 ? 10.727  -12.271 5.242   1.00 259.53 ? 88 ASN A N   1 
ATOM 691 C CA  . ASN A 1 108 ? 10.638  -13.720 5.026   1.00 265.94 ? 88 ASN A CA  1 
ATOM 692 C C   . ASN A 1 108 ? 11.711  -14.503 5.785   1.00 269.81 ? 88 ASN A C   1 
ATOM 693 O O   . ASN A 1 108 ? 11.473  -15.625 6.240   1.00 270.12 ? 88 ASN A O   1 
ATOM 694 C CB  . ASN A 1 108 ? 10.741  -14.068 3.527   1.00 264.21 ? 88 ASN A CB  1 
ATOM 695 C CG  . ASN A 1 108 ? 9.377   -14.174 2.839   1.00 262.95 ? 88 ASN A CG  1 
ATOM 696 O OD1 . ASN A 1 108 ? 8.354   -14.449 3.477   1.00 258.76 ? 88 ASN A OD1 1 
ATOM 697 N ND2 . ASN A 1 108 ? 9.368   -13.983 1.521   1.00 260.09 ? 88 ASN A ND2 1 
ATOM 698 N N   . THR A 1 109 ? 12.890  -13.908 5.924   1.00 274.66 ? 89 THR A N   1 
ATOM 699 C CA  . THR A 1 109 ? 13.993  -14.569 6.609   1.00 279.19 ? 89 THR A CA  1 
ATOM 700 C C   . THR A 1 109 ? 14.066  -14.243 8.099   1.00 280.76 ? 89 THR A C   1 
ATOM 701 O O   . THR A 1 109 ? 14.126  -15.152 8.931   1.00 281.82 ? 89 THR A O   1 
ATOM 702 C CB  . THR A 1 109 ? 15.340  -14.211 5.952   1.00 280.43 ? 89 THR A CB  1 
ATOM 703 O OG1 . THR A 1 109 ? 15.348  -14.671 4.594   1.00 281.08 ? 89 THR A OG1 1 
ATOM 704 C CG2 . THR A 1 109 ? 16.490  -14.856 6.713   1.00 281.08 ? 89 THR A CG2 1 
ATOM 705 N N   . LEU A 1 110 ? 14.068  -12.954 8.431   1.00 281.29 ? 90 LEU A N   1 
ATOM 706 C CA  . LEU A 1 110 ? 14.135  -12.517 9.825   1.00 281.57 ? 90 LEU A CA  1 
ATOM 707 C C   . LEU A 1 110 ? 12.790  -12.675 10.534  1.00 282.22 ? 90 LEU A C   1 
ATOM 708 O O   . LEU A 1 110 ? 12.323  -11.748 11.188  1.00 282.00 ? 90 LEU A O   1 
ATOM 709 C CB  . LEU A 1 110 ? 14.583  -11.047 9.913   1.00 280.37 ? 90 LEU A CB  1 
ATOM 710 C CG  . LEU A 1 110 ? 16.069  -10.657 9.857   1.00 279.37 ? 90 LEU A CG  1 
ATOM 711 C CD1 . LEU A 1 110 ? 16.189  -9.153  9.642   1.00 277.81 ? 90 LEU A CD1 1 
ATOM 712 C CD2 . LEU A 1 110 ? 16.776  -11.062 11.148  1.00 275.78 ? 90 LEU A CD2 1 
ATOM 713 N N   . MET A 1 111 ? 12.175  -13.848 10.411  1.00 285.12 ? 91 MET A N   1 
ATOM 714 C CA  . MET A 1 111 ? 10.882  -14.108 11.045  1.00 287.41 ? 91 MET A CA  1 
ATOM 715 C C   . MET A 1 111 ? 10.978  -14.624 12.485  1.00 289.04 ? 91 MET A C   1 
ATOM 716 O O   . MET A 1 111 ? 10.854  -15.829 12.721  1.00 292.03 ? 91 MET A O   1 
ATOM 717 C CB  . MET A 1 111 ? 10.079  -15.119 10.222  1.00 286.60 ? 91 MET A CB  1 
ATOM 718 C CG  . MET A 1 111 ? 9.590   -14.600 8.890   1.00 286.74 ? 91 MET A CG  1 
ATOM 719 S SD  . MET A 1 111 ? 8.685   -15.861 7.986   1.00 288.28 ? 91 MET A SD  1 
ATOM 720 C CE  . MET A 1 111 ? 7.019   -15.642 8.646   1.00 283.75 ? 91 MET A CE  1 
ATOM 721 N N   . LYS A 1 112 ? 11.190  -13.718 13.440  1.00 287.88 ? 92 LYS A N   1 
ATOM 722 C CA  . LYS A 1 112 ? 11.280  -14.097 14.853  1.00 285.47 ? 92 LYS A CA  1 
ATOM 723 C C   . LYS A 1 112 ? 9.886   -14.173 15.481  1.00 287.87 ? 92 LYS A C   1 
ATOM 724 O O   . LYS A 1 112 ? 8.997   -13.393 15.134  1.00 287.58 ? 92 LYS A O   1 
ATOM 725 C CB  . LYS A 1 112 ? 12.142  -13.091 15.637  1.00 277.12 ? 92 LYS A CB  1 
ATOM 726 C CG  . LYS A 1 112 ? 13.645  -13.320 15.542  1.00 269.31 ? 92 LYS A CG  1 
ATOM 727 C CD  . LYS A 1 112 ? 14.414  -12.313 16.380  1.00 263.24 ? 92 LYS A CD  1 
ATOM 728 C CE  . LYS A 1 112 ? 15.907  -12.536 16.246  1.00 260.72 ? 92 LYS A CE  1 
ATOM 729 N NZ  . LYS A 1 112 ? 16.679  -11.521 16.998  1.00 259.11 ? 92 LYS A NZ  1 
ATOM 730 N N   . LYS A 1 113 ? 9.701   -15.122 16.399  1.00 290.66 ? 93 LYS A N   1 
ATOM 731 C CA  . LYS A 1 113 ? 8.427   -15.312 17.098  1.00 292.07 ? 93 LYS A CA  1 
ATOM 732 C C   . LYS A 1 113 ? 8.677   -15.046 18.598  1.00 294.95 ? 93 LYS A C   1 
ATOM 733 O O   . LYS A 1 113 ? 9.441   -15.772 19.246  1.00 296.51 ? 93 LYS A O   1 
ATOM 734 C CB  . LYS A 1 113 ? 7.924   -16.747 16.869  1.00 289.04 ? 93 LYS A CB  1 
ATOM 735 C CG  . LYS A 1 113 ? 6.435   -16.983 17.140  1.00 286.69 ? 93 LYS A CG  1 
ATOM 736 C CD  . LYS A 1 113 ? 5.539   -16.363 16.073  1.00 282.61 ? 93 LYS A CD  1 
ATOM 737 C CE  . LYS A 1 113 ? 4.076   -16.699 16.328  1.00 280.08 ? 93 LYS A CE  1 
ATOM 738 N NZ  . LYS A 1 113 ? 3.153   -16.025 15.374  1.00 276.87 ? 93 LYS A NZ  1 
ATOM 739 N N   . GLU A 1 114 ? 8.040   -14.000 19.135  1.00 296.65 ? 94 GLU A N   1 
ATOM 740 C CA  . GLU A 1 114 ? 8.209   -13.603 20.539  1.00 296.43 ? 94 GLU A CA  1 
ATOM 741 C C   . GLU A 1 114 ? 7.222   -14.235 21.522  1.00 298.58 ? 94 GLU A C   1 
ATOM 742 O O   . GLU A 1 114 ? 6.525   -13.468 22.223  1.00 300.23 ? 94 GLU A O   1 
ATOM 743 C CB  . GLU A 1 114 ? 8.143   -12.068 20.647  1.00 294.00 ? 94 GLU A CB  1 
ATOM 744 C CG  . GLU A 1 114 ? 6.811   -11.442 20.203  1.00 289.85 ? 94 GLU A CG  1 
ATOM 745 C CD  . GLU A 1 114 ? 6.912   -9.951  19.911  1.00 287.13 ? 94 GLU A CD  1 
ATOM 746 O OE1 . GLU A 1 114 ? 7.518   -9.584  18.882  1.00 284.35 ? 94 GLU A OE1 1 
ATOM 747 O OE2 . GLU A 1 114 ? 6.384   -9.145  20.706  1.00 283.06 ? 94 GLU A OE2 1 
ATOM 748 O OXT . GLU A 1 114 ? 7.158   -15.484 21.591  1.00 299.68 ? 94 GLU A OXT 1 
# 
